data_5W4Z
#
_entry.id   5W4Z
#
_cell.length_a   74.970
_cell.length_b   108.800
_cell.length_c   125.080
_cell.angle_alpha   90.00
_cell.angle_beta   90.00
_cell.angle_gamma   90.00
#
_symmetry.space_group_name_H-M   'P 21 21 21'
#
loop_
_entity.id
_entity.type
_entity.pdbx_description
1 polymer 'Riboflavin Lyase'
2 non-polymer 1-deoxy-1-(7,8-dimethyl-2,4-dioxo-3,4-dihydrobenzo[g]pteridin-10(2H)-yl)-3-O-phosphono-D-ribitol
3 non-polymer RIBOFLAVIN
4 water water
#
_entity_poly.entity_id   1
_entity_poly.type   'polypeptide(L)'
_entity_poly.pdbx_seq_one_letter_code
;GHMKGNTMKQLRFGLFENAQTNDSGTATWRHPDNQRHLFDTLDYWRNIAQICEDAGLDFVFLADAWGWADVNGERPDICD
VEGLDLPRLDPAIVAAALIASTTKLGLVMTGSTLLEQPYSFARRMASLDHLSKGRIGWNVVTTGTAETASAAFGVPMVAH
DDRYDMADDFMELVYKLWEGAWEPDALERDKQGRYADPAKVHRIDHEGPYFRSNGYGNTSYSPQGTPVLFQAGSSERGRQ
FGGRHGECIFLGGAPIPKLAEQVRAIRAEAVAEGRAADSIKLMAAFSCVIAPTHEEAVQKYQEVLDSQTPEVAVASYAWF
TGLDLSSYDPSTPMSELHTELSQTQVARFAGLTVGDVLADWHAHGVRTKPVVGTPEEVADAIVELAEGADLDGFLLTPVI
QPGSTIDFIEHVLPILRERGVAASGYDAPTLRERLLGTETPVLREDHPGAGYRAQSGALVG
;
_entity_poly.pdbx_strand_id   A,B
#
loop_
_chem_comp.id
_chem_comp.type
_chem_comp.name
_chem_comp.formula
9WY non-polymer 1-deoxy-1-(7,8-dimethyl-2,4-dioxo-3,4-dihydrobenzo[g]pteridin-10(2H)-yl)-3-O-phosphono-D-ribitol 'C17 H21 N4 O9 P'
RBF non-polymer RIBOFLAVIN 'C17 H20 N4 O6'
#
# COMPACT_ATOMS: atom_id res chain seq x y z
N LYS A 9 14.24 -33.75 -9.61
CA LYS A 9 13.39 -32.57 -9.61
C LYS A 9 13.44 -31.83 -8.27
N GLN A 10 13.79 -30.55 -8.31
CA GLN A 10 13.93 -29.74 -7.10
C GLN A 10 12.59 -29.09 -6.78
N LEU A 11 12.01 -29.45 -5.65
CA LEU A 11 10.75 -28.85 -5.22
C LEU A 11 10.99 -27.50 -4.57
N ARG A 12 10.04 -26.58 -4.77
CA ARG A 12 10.04 -25.28 -4.12
C ARG A 12 9.10 -25.27 -2.93
N PHE A 13 9.42 -24.42 -1.94
CA PHE A 13 8.66 -24.37 -0.70
C PHE A 13 8.44 -22.95 -0.27
N GLY A 14 7.17 -22.62 0.02
CA GLY A 14 6.83 -21.35 0.64
C GLY A 14 5.99 -21.60 1.89
N LEU A 15 5.77 -20.50 2.62
CA LEU A 15 4.95 -20.52 3.81
C LEU A 15 3.65 -19.77 3.54
N PHE A 16 2.51 -20.43 3.78
CA PHE A 16 1.23 -19.73 3.76
C PHE A 16 1.00 -18.98 5.07
N GLU A 17 0.62 -17.70 4.97
CA GLU A 17 0.34 -16.86 6.14
C GLU A 17 -0.82 -15.93 5.80
N ASN A 18 -1.40 -15.30 6.82
CA ASN A 18 -2.32 -14.21 6.54
C ASN A 18 -2.30 -13.20 7.69
N ALA A 19 -2.58 -11.94 7.35
CA ALA A 19 -2.46 -10.85 8.32
C ALA A 19 -3.75 -10.75 9.13
N GLN A 20 -3.98 -11.78 9.93
CA GLN A 20 -5.04 -11.80 10.94
C GLN A 20 -4.76 -12.98 11.87
N THR A 21 -5.53 -13.05 12.96
CA THR A 21 -5.20 -13.96 14.06
C THR A 21 -5.35 -15.43 13.65
N ASN A 22 -6.46 -15.77 13.02
CA ASN A 22 -6.78 -17.12 12.60
C ASN A 22 -6.75 -17.19 11.07
N ASP A 23 -6.90 -18.40 10.53
CA ASP A 23 -6.86 -18.53 9.08
C ASP A 23 -7.82 -19.61 8.61
N SER A 24 -8.27 -19.46 7.37
CA SER A 24 -8.94 -20.52 6.62
C SER A 24 -10.26 -20.95 7.22
N GLY A 25 -10.86 -20.11 8.08
CA GLY A 25 -12.11 -20.45 8.70
C GLY A 25 -11.99 -21.32 9.94
N THR A 26 -10.77 -21.64 10.38
CA THR A 26 -10.55 -22.27 11.66
C THR A 26 -10.13 -21.21 12.68
N ALA A 27 -10.02 -21.63 13.94
CA ALA A 27 -9.64 -20.69 14.99
C ALA A 27 -8.82 -21.45 16.04
N THR A 28 -7.51 -21.53 15.81
CA THR A 28 -6.60 -22.18 16.75
C THR A 28 -5.92 -21.22 17.69
N TRP A 29 -6.34 -19.93 17.72
CA TRP A 29 -5.62 -18.89 18.43
C TRP A 29 -5.48 -19.16 19.93
N ARG A 30 -6.35 -19.99 20.51
CA ARG A 30 -6.32 -20.23 21.96
C ARG A 30 -5.22 -21.19 22.39
N HIS A 31 -4.60 -21.92 21.47
CA HIS A 31 -3.52 -22.82 21.83
C HIS A 31 -2.43 -22.04 22.56
N PRO A 32 -1.86 -22.59 23.64
CA PRO A 32 -0.93 -21.79 24.46
C PRO A 32 0.31 -21.32 23.72
N ASP A 33 0.74 -22.02 22.68
CA ASP A 33 1.95 -21.66 21.95
C ASP A 33 1.70 -20.82 20.70
N ASN A 34 0.43 -20.58 20.35
CA ASN A 34 0.13 -19.82 19.15
C ASN A 34 0.34 -18.33 19.42
N GLN A 35 1.02 -17.65 18.48
CA GLN A 35 1.38 -16.25 18.63
C GLN A 35 0.72 -15.32 17.63
N ARG A 36 -0.16 -15.81 16.75
CA ARG A 36 -0.61 -14.94 15.68
C ARG A 36 -1.69 -13.96 16.13
N HIS A 37 -2.09 -13.98 17.40
CA HIS A 37 -2.86 -12.83 17.90
C HIS A 37 -2.03 -11.56 17.88
N LEU A 38 -0.71 -11.67 17.70
CA LEU A 38 0.18 -10.52 17.55
C LEU A 38 0.34 -10.09 16.10
N PHE A 39 -0.57 -10.53 15.20
CA PHE A 39 -0.41 -10.24 13.78
C PHE A 39 -0.36 -8.76 13.49
N ASP A 40 -0.87 -7.92 14.38
CA ASP A 40 -0.93 -6.48 14.13
C ASP A 40 0.30 -5.76 14.67
N THR A 41 1.35 -6.50 15.03
CA THR A 41 2.63 -5.95 15.43
C THR A 41 3.66 -6.30 14.37
N LEU A 42 4.61 -5.40 14.14
CA LEU A 42 5.62 -5.69 13.12
C LEU A 42 6.60 -6.75 13.62
N ASP A 43 6.78 -6.87 14.93
CA ASP A 43 7.72 -7.85 15.46
C ASP A 43 7.28 -9.28 15.12
N TYR A 44 5.97 -9.55 15.10
CA TYR A 44 5.52 -10.87 14.70
C TYR A 44 6.02 -11.21 13.30
N TRP A 45 5.85 -10.29 12.35
CA TRP A 45 6.21 -10.56 10.97
C TRP A 45 7.71 -10.57 10.77
N ARG A 46 8.44 -9.72 11.49
CA ARG A 46 9.90 -9.78 11.45
C ARG A 46 10.40 -11.16 11.83
N ASN A 47 9.79 -11.75 12.85
CA ASN A 47 10.21 -13.06 13.33
C ASN A 47 9.90 -14.14 12.30
N ILE A 48 8.69 -14.14 11.76
CA ILE A 48 8.31 -15.11 10.74
C ILE A 48 9.26 -15.01 9.55
N ALA A 49 9.52 -13.78 9.09
CA ALA A 49 10.35 -13.59 7.91
C ALA A 49 11.78 -14.03 8.17
N GLN A 50 12.31 -13.72 9.36
CA GLN A 50 13.66 -14.16 9.66
C GLN A 50 13.73 -15.67 9.71
N ILE A 51 12.73 -16.32 10.32
CA ILE A 51 12.73 -17.78 10.38
C ILE A 51 12.74 -18.37 8.98
N CYS A 52 11.93 -17.83 8.09
CA CYS A 52 11.85 -18.35 6.72
C CYS A 52 13.14 -18.06 5.95
N GLU A 53 13.67 -16.84 6.07
CA GLU A 53 14.85 -16.49 5.29
C GLU A 53 16.08 -17.23 5.79
N ASP A 54 16.20 -17.41 7.11
CA ASP A 54 17.33 -18.19 7.64
C ASP A 54 17.30 -19.62 7.11
N ALA A 55 16.11 -20.18 6.90
CA ALA A 55 15.98 -21.54 6.40
C ALA A 55 16.09 -21.63 4.90
N GLY A 56 16.14 -20.51 4.18
CA GLY A 56 16.17 -20.56 2.74
C GLY A 56 14.84 -20.88 2.09
N LEU A 57 13.72 -20.66 2.77
CA LEU A 57 12.44 -20.84 2.11
C LEU A 57 12.30 -19.84 0.96
N ASP A 58 11.64 -20.27 -0.10
CA ASP A 58 11.60 -19.43 -1.30
C ASP A 58 10.76 -18.18 -1.07
N PHE A 59 9.68 -18.28 -0.31
CA PHE A 59 8.83 -17.10 -0.14
C PHE A 59 7.89 -17.30 1.04
N VAL A 60 7.38 -16.16 1.52
N VAL A 60 7.39 -16.17 1.54
CA VAL A 60 6.23 -16.08 2.42
CA VAL A 60 6.23 -16.14 2.42
C VAL A 60 5.05 -15.56 1.61
C VAL A 60 5.06 -15.58 1.62
N PHE A 61 3.89 -16.18 1.82
CA PHE A 61 2.69 -15.89 1.04
C PHE A 61 1.64 -15.36 2.01
N LEU A 62 1.06 -14.20 1.68
CA LEU A 62 -0.01 -13.59 2.46
C LEU A 62 -1.33 -13.78 1.70
N ALA A 63 -2.25 -14.55 2.27
CA ALA A 63 -3.61 -14.58 1.74
C ALA A 63 -4.28 -13.24 2.02
N ASP A 64 -5.52 -13.07 1.53
CA ASP A 64 -6.26 -11.87 1.88
C ASP A 64 -7.75 -12.17 1.85
N ALA A 65 -8.50 -11.32 2.54
CA ALA A 65 -9.96 -11.33 2.48
C ALA A 65 -10.43 -9.90 2.66
N TRP A 66 -11.54 -9.58 2.01
CA TRP A 66 -12.16 -8.28 2.19
C TRP A 66 -13.45 -8.33 2.97
N GLY A 67 -14.22 -9.41 2.84
CA GLY A 67 -15.50 -9.53 3.49
C GLY A 67 -15.40 -10.11 4.89
N TRP A 68 -16.54 -10.57 5.39
CA TRP A 68 -16.67 -11.08 6.74
C TRP A 68 -17.77 -12.14 6.76
N ALA A 69 -17.96 -12.76 7.92
CA ALA A 69 -18.86 -13.92 8.06
C ALA A 69 -20.28 -13.44 8.30
N ASP A 70 -21.04 -13.22 7.25
CA ASP A 70 -22.41 -12.81 7.39
C ASP A 70 -23.33 -14.02 7.42
N VAL A 71 -23.99 -14.27 8.53
CA VAL A 71 -24.94 -15.36 8.62
C VAL A 71 -26.26 -14.67 8.56
N ASN A 72 -27.01 -14.93 7.50
CA ASN A 72 -28.29 -14.29 7.17
C ASN A 72 -28.04 -12.85 6.79
N GLY A 73 -27.89 -11.99 7.78
CA GLY A 73 -27.63 -10.59 7.52
C GLY A 73 -26.67 -9.96 8.49
N GLU A 74 -26.15 -10.71 9.43
CA GLU A 74 -25.18 -10.14 10.35
C GLU A 74 -24.15 -11.14 10.82
N ARG A 75 -23.23 -10.65 11.62
CA ARG A 75 -22.12 -11.42 12.09
C ARG A 75 -22.36 -11.97 13.45
N PRO A 76 -22.50 -13.28 13.56
CA PRO A 76 -22.71 -13.80 14.91
C PRO A 76 -21.61 -13.36 15.86
N ASP A 77 -21.97 -13.20 17.13
CA ASP A 77 -21.01 -12.72 18.12
C ASP A 77 -19.85 -13.68 18.33
N ILE A 78 -20.02 -14.96 17.98
CA ILE A 78 -18.92 -15.91 18.09
C ILE A 78 -17.76 -15.52 17.18
N CYS A 79 -18.01 -14.74 16.13
CA CYS A 79 -16.93 -14.30 15.27
C CYS A 79 -15.95 -13.38 16.00
N ASP A 80 -16.48 -12.54 16.89
CA ASP A 80 -15.60 -11.66 17.67
C ASP A 80 -15.03 -12.39 18.88
N VAL A 81 -15.83 -13.25 19.52
CA VAL A 81 -15.33 -14.01 20.68
C VAL A 81 -14.14 -14.87 20.28
N GLU A 82 -14.14 -15.39 19.04
CA GLU A 82 -13.10 -16.28 18.56
C GLU A 82 -12.14 -15.63 17.56
N GLY A 83 -12.34 -14.36 17.22
CA GLY A 83 -11.49 -13.73 16.21
C GLY A 83 -11.45 -14.50 14.91
N LEU A 84 -12.60 -14.97 14.46
CA LEU A 84 -12.65 -15.89 13.32
C LEU A 84 -12.23 -15.22 12.02
N ASP A 85 -12.88 -14.10 11.68
CA ASP A 85 -12.71 -13.46 10.38
C ASP A 85 -12.07 -12.08 10.42
N LEU A 86 -12.12 -11.39 11.55
CA LEU A 86 -11.70 -10.00 11.70
C LEU A 86 -11.10 -9.78 13.08
N PRO A 87 -10.24 -8.76 13.25
CA PRO A 87 -9.76 -7.80 12.23
C PRO A 87 -8.58 -8.33 11.45
N ARG A 88 -8.10 -7.53 10.50
CA ARG A 88 -6.97 -7.93 9.66
C ARG A 88 -6.22 -6.67 9.23
N LEU A 89 -5.06 -6.88 8.61
CA LEU A 89 -4.24 -5.83 8.02
C LEU A 89 -4.21 -5.97 6.49
N ASP A 90 -3.74 -4.90 5.85
CA ASP A 90 -3.59 -4.95 4.40
C ASP A 90 -2.30 -5.69 4.03
N PRO A 91 -2.35 -6.70 3.16
CA PRO A 91 -1.13 -7.46 2.83
C PRO A 91 -0.01 -6.64 2.20
N ALA A 92 -0.32 -5.67 1.33
CA ALA A 92 0.74 -4.91 0.69
C ALA A 92 1.57 -4.14 1.70
N ILE A 93 0.91 -3.61 2.74
CA ILE A 93 1.64 -2.87 3.77
C ILE A 93 2.55 -3.81 4.54
N VAL A 94 2.04 -4.99 4.90
CA VAL A 94 2.87 -5.98 5.59
C VAL A 94 4.05 -6.36 4.70
N ALA A 95 3.79 -6.62 3.41
CA ALA A 95 4.85 -7.02 2.49
C ALA A 95 5.92 -5.94 2.36
N ALA A 96 5.50 -4.67 2.23
CA ALA A 96 6.47 -3.59 2.12
C ALA A 96 7.33 -3.50 3.37
N ALA A 97 6.72 -3.66 4.55
CA ALA A 97 7.50 -3.62 5.79
C ALA A 97 8.51 -4.75 5.86
N LEU A 98 8.16 -5.91 5.30
CA LEU A 98 9.08 -7.05 5.31
C LEU A 98 10.17 -6.96 4.26
N ILE A 99 9.94 -6.21 3.18
CA ILE A 99 10.99 -5.92 2.21
C ILE A 99 12.22 -5.39 2.91
N ALA A 100 12.01 -4.48 3.86
CA ALA A 100 13.10 -3.78 4.51
C ALA A 100 13.85 -4.63 5.49
N SER A 101 13.24 -5.72 5.97
CA SER A 101 13.81 -6.60 6.98
C SER A 101 14.46 -7.83 6.39
N THR A 102 14.43 -7.99 5.07
CA THR A 102 14.89 -9.19 4.37
C THR A 102 15.75 -8.77 3.19
N THR A 103 16.47 -9.73 2.61
CA THR A 103 17.28 -9.42 1.44
C THR A 103 17.06 -10.41 0.29
N LYS A 104 16.72 -11.66 0.60
CA LYS A 104 16.51 -12.63 -0.48
C LYS A 104 15.14 -13.27 -0.48
N LEU A 105 14.46 -13.33 0.67
CA LEU A 105 13.15 -13.97 0.78
C LEU A 105 12.14 -13.37 -0.20
N GLY A 106 11.33 -14.24 -0.80
CA GLY A 106 10.26 -13.76 -1.65
C GLY A 106 9.04 -13.40 -0.82
N LEU A 107 8.30 -12.40 -1.31
CA LEU A 107 7.10 -11.91 -0.64
C LEU A 107 5.97 -11.95 -1.66
N VAL A 108 4.95 -12.74 -1.40
CA VAL A 108 3.82 -12.90 -2.31
C VAL A 108 2.58 -12.41 -1.58
N MET A 109 1.83 -11.49 -2.22
CA MET A 109 0.64 -10.95 -1.57
C MET A 109 -0.58 -11.21 -2.43
N THR A 110 -1.67 -11.60 -1.79
CA THR A 110 -2.94 -11.74 -2.48
C THR A 110 -3.53 -10.36 -2.78
N GLY A 111 -4.10 -10.23 -3.99
CA GLY A 111 -4.74 -8.99 -4.41
C GLY A 111 -5.94 -9.30 -5.28
N SER A 112 -7.03 -8.55 -5.09
CA SER A 112 -8.34 -8.86 -5.68
C SER A 112 -8.57 -8.09 -6.97
N THR A 113 -8.84 -8.82 -8.06
CA THR A 113 -9.26 -8.16 -9.30
C THR A 113 -10.66 -7.57 -9.20
N LEU A 114 -11.44 -7.95 -8.20
CA LEU A 114 -12.81 -7.44 -8.06
C LEU A 114 -12.83 -6.04 -7.46
N LEU A 115 -11.91 -5.73 -6.56
CA LEU A 115 -12.02 -4.52 -5.76
C LEU A 115 -10.82 -3.58 -5.88
N GLU A 116 -9.73 -3.99 -6.52
CA GLU A 116 -8.62 -3.10 -6.78
C GLU A 116 -8.84 -2.32 -8.07
N GLN A 117 -8.37 -1.09 -8.11
CA GLN A 117 -8.28 -0.35 -9.36
C GLN A 117 -6.98 -0.71 -10.05
N PRO A 118 -7.02 -1.20 -11.29
CA PRO A 118 -5.78 -1.65 -11.93
C PRO A 118 -4.69 -0.59 -12.01
N TYR A 119 -5.03 0.69 -12.26
CA TYR A 119 -3.97 1.68 -12.43
C TYR A 119 -3.20 1.89 -11.12
N SER A 120 -3.92 2.05 -10.01
CA SER A 120 -3.23 2.25 -8.74
C SER A 120 -2.60 0.95 -8.25
N PHE A 121 -3.23 -0.19 -8.53
CA PHE A 121 -2.63 -1.47 -8.16
C PHE A 121 -1.33 -1.71 -8.90
N ALA A 122 -1.29 -1.39 -10.19
CA ALA A 122 -0.06 -1.57 -10.96
C ALA A 122 1.07 -0.74 -10.38
N ARG A 123 0.78 0.52 -10.04
CA ARG A 123 1.82 1.36 -9.42
C ARG A 123 2.29 0.76 -8.09
N ARG A 124 1.35 0.26 -7.29
CA ARG A 124 1.69 -0.29 -5.98
C ARG A 124 2.60 -1.51 -6.12
N MET A 125 2.23 -2.44 -6.99
CA MET A 125 3.03 -3.65 -7.15
C MET A 125 4.39 -3.34 -7.73
N ALA A 126 4.46 -2.45 -8.71
CA ALA A 126 5.75 -2.11 -9.28
C ALA A 126 6.64 -1.41 -8.27
N SER A 127 6.04 -0.62 -7.36
CA SER A 127 6.83 0.01 -6.30
C SER A 127 7.41 -1.05 -5.36
N LEU A 128 6.62 -2.05 -4.99
CA LEU A 128 7.16 -3.15 -4.20
C LEU A 128 8.28 -3.86 -4.95
N ASP A 129 8.13 -4.01 -6.27
CA ASP A 129 9.14 -4.73 -7.05
C ASP A 129 10.44 -3.94 -7.14
N HIS A 130 10.34 -2.64 -7.40
CA HIS A 130 11.52 -1.77 -7.37
C HIS A 130 12.24 -1.85 -6.03
N LEU A 131 11.51 -1.58 -4.94
CA LEU A 131 12.16 -1.49 -3.62
C LEU A 131 12.74 -2.82 -3.16
N SER A 132 12.12 -3.95 -3.52
CA SER A 132 12.62 -5.27 -3.10
C SER A 132 13.65 -5.87 -4.04
N LYS A 133 13.97 -5.17 -5.14
CA LYS A 133 14.91 -5.69 -6.15
C LYS A 133 14.41 -7.00 -6.78
N GLY A 134 13.10 -7.09 -7.00
CA GLY A 134 12.53 -8.20 -7.75
C GLY A 134 12.21 -9.42 -6.91
N ARG A 135 11.65 -9.23 -5.72
CA ARG A 135 11.33 -10.35 -4.84
C ARG A 135 9.83 -10.50 -4.60
N ILE A 136 8.98 -9.81 -5.37
CA ILE A 136 7.56 -9.70 -5.08
C ILE A 136 6.76 -10.61 -5.99
N GLY A 137 5.68 -11.19 -5.43
CA GLY A 137 4.69 -11.89 -6.22
C GLY A 137 3.30 -11.39 -5.87
N TRP A 138 2.37 -11.64 -6.78
CA TRP A 138 0.96 -11.27 -6.63
C TRP A 138 0.11 -12.52 -6.81
N ASN A 139 -0.65 -12.88 -5.78
CA ASN A 139 -1.62 -13.96 -5.90
C ASN A 139 -2.96 -13.39 -6.38
N VAL A 140 -3.32 -13.71 -7.62
CA VAL A 140 -4.52 -13.19 -8.27
C VAL A 140 -5.73 -13.95 -7.76
N VAL A 141 -6.65 -13.24 -7.09
CA VAL A 141 -7.92 -13.85 -6.69
C VAL A 141 -9.07 -12.99 -7.17
N THR A 142 -10.24 -13.60 -7.27
CA THR A 142 -11.47 -12.88 -7.60
C THR A 142 -12.36 -12.66 -6.37
N THR A 143 -11.82 -12.89 -5.16
CA THR A 143 -12.45 -12.61 -3.86
C THR A 143 -13.56 -13.59 -3.51
N GLY A 144 -13.30 -14.47 -2.54
CA GLY A 144 -14.26 -15.46 -2.11
C GLY A 144 -15.30 -14.96 -1.13
N THR A 145 -15.13 -13.73 -0.66
CA THR A 145 -16.05 -13.06 0.24
C THR A 145 -16.79 -11.94 -0.48
N ALA A 146 -17.18 -12.19 -1.74
CA ALA A 146 -17.51 -11.10 -2.66
C ALA A 146 -18.79 -10.37 -2.25
N GLU A 147 -19.74 -11.04 -1.62
CA GLU A 147 -21.01 -10.41 -1.30
C GLU A 147 -20.85 -9.33 -0.23
N THR A 148 -20.28 -9.69 0.91
CA THR A 148 -20.03 -8.69 1.96
C THR A 148 -19.05 -7.64 1.47
N ALA A 149 -17.97 -8.07 0.79
CA ALA A 149 -16.97 -7.12 0.30
C ALA A 149 -17.59 -6.10 -0.64
N SER A 150 -18.49 -6.54 -1.52
CA SER A 150 -19.14 -5.60 -2.42
C SER A 150 -19.95 -4.57 -1.64
N ALA A 151 -20.66 -5.00 -0.59
CA ALA A 151 -21.40 -4.03 0.23
C ALA A 151 -20.47 -3.06 0.94
N ALA A 152 -19.28 -3.52 1.36
CA ALA A 152 -18.33 -2.64 2.02
C ALA A 152 -17.84 -1.55 1.08
N PHE A 153 -17.59 -1.90 -0.18
CA PHE A 153 -17.12 -0.94 -1.17
C PHE A 153 -18.26 -0.16 -1.83
N GLY A 154 -19.52 -0.54 -1.56
CA GLY A 154 -20.65 0.16 -2.13
C GLY A 154 -20.84 -0.11 -3.61
N VAL A 155 -20.48 -1.30 -4.07
CA VAL A 155 -20.56 -1.62 -5.49
C VAL A 155 -21.48 -2.81 -5.69
N PRO A 156 -22.14 -2.94 -6.83
CA PRO A 156 -23.00 -4.11 -7.04
C PRO A 156 -22.18 -5.38 -7.13
N MET A 157 -22.79 -6.46 -6.67
CA MET A 157 -22.18 -7.78 -6.71
C MET A 157 -21.96 -8.23 -8.16
N VAL A 158 -20.89 -9.00 -8.36
CA VAL A 158 -20.56 -9.59 -9.66
C VAL A 158 -20.57 -11.11 -9.51
N ALA A 159 -21.26 -11.80 -10.42
CA ALA A 159 -21.40 -13.25 -10.35
C ALA A 159 -20.05 -13.95 -10.54
N HIS A 160 -20.01 -15.24 -10.20
CA HIS A 160 -18.74 -15.96 -10.06
C HIS A 160 -17.94 -15.96 -11.37
N ASP A 161 -18.53 -16.51 -12.43
CA ASP A 161 -17.78 -16.61 -13.69
C ASP A 161 -17.50 -15.23 -14.29
N ASP A 162 -18.41 -14.27 -14.09
CA ASP A 162 -18.14 -12.90 -14.53
C ASP A 162 -16.94 -12.30 -13.81
N ARG A 163 -16.66 -12.72 -12.56
CA ARG A 163 -15.49 -12.16 -11.88
C ARG A 163 -14.20 -12.60 -12.55
N TYR A 164 -14.19 -13.79 -13.16
CA TYR A 164 -13.02 -14.22 -13.91
C TYR A 164 -12.92 -13.51 -15.26
N ASP A 165 -14.05 -13.23 -15.92
CA ASP A 165 -14.01 -12.36 -17.08
C ASP A 165 -13.43 -10.99 -16.72
N MET A 166 -13.86 -10.45 -15.58
CA MET A 166 -13.31 -9.18 -15.11
C MET A 166 -11.82 -9.30 -14.82
N ALA A 167 -11.40 -10.42 -14.22
CA ALA A 167 -9.98 -10.65 -14.00
C ALA A 167 -9.18 -10.65 -15.31
N ASP A 168 -9.72 -11.30 -16.36
CA ASP A 168 -9.06 -11.28 -17.66
C ASP A 168 -8.78 -9.85 -18.13
N ASP A 169 -9.78 -8.97 -18.02
CA ASP A 169 -9.63 -7.59 -18.43
C ASP A 169 -8.64 -6.86 -17.53
N PHE A 170 -8.73 -7.12 -16.21
CA PHE A 170 -7.77 -6.54 -15.27
C PHE A 170 -6.34 -6.89 -15.68
N MET A 171 -6.10 -8.15 -16.01
CA MET A 171 -4.76 -8.61 -16.37
C MET A 171 -4.24 -7.91 -17.61
N GLU A 172 -5.08 -7.76 -18.64
CA GLU A 172 -4.61 -7.12 -19.87
C GLU A 172 -4.14 -5.70 -19.59
N LEU A 173 -4.90 -4.96 -18.77
CA LEU A 173 -4.52 -3.58 -18.44
C LEU A 173 -3.21 -3.54 -17.64
N VAL A 174 -3.07 -4.38 -16.61
CA VAL A 174 -1.85 -4.26 -15.82
C VAL A 174 -0.64 -4.74 -16.64
N TYR A 175 -0.82 -5.71 -17.54
CA TYR A 175 0.26 -6.07 -18.44
C TYR A 175 0.71 -4.88 -19.26
N LYS A 176 -0.25 -4.10 -19.79
CA LYS A 176 0.13 -2.90 -20.53
C LYS A 176 0.90 -1.94 -19.65
N LEU A 177 0.46 -1.75 -18.40
CA LEU A 177 1.15 -0.81 -17.53
C LEU A 177 2.53 -1.33 -17.15
N TRP A 178 2.67 -2.63 -16.91
CA TRP A 178 3.95 -3.15 -16.42
C TRP A 178 4.93 -3.43 -17.54
N GLU A 179 4.45 -3.91 -18.70
CA GLU A 179 5.33 -4.35 -19.77
C GLU A 179 5.40 -3.37 -20.94
N GLY A 180 4.35 -2.59 -21.18
CA GLY A 180 4.30 -1.84 -22.42
C GLY A 180 4.47 -0.33 -22.27
N ALA A 181 4.31 0.19 -21.06
CA ALA A 181 4.35 1.65 -20.90
C ALA A 181 5.78 2.18 -20.87
N TRP A 182 6.70 1.46 -20.23
CA TRP A 182 8.10 1.86 -20.14
C TRP A 182 8.95 0.68 -20.59
N GLU A 183 9.81 0.89 -21.58
CA GLU A 183 10.67 -0.21 -22.01
C GLU A 183 11.74 -0.48 -20.95
N PRO A 184 12.27 -1.70 -20.89
CA PRO A 184 13.16 -2.05 -19.77
C PRO A 184 14.37 -1.15 -19.64
N ASP A 185 14.87 -0.56 -20.74
CA ASP A 185 16.05 0.30 -20.68
C ASP A 185 15.71 1.78 -20.88
N ALA A 186 14.46 2.18 -20.59
CA ALA A 186 14.07 3.58 -20.83
C ALA A 186 14.87 4.56 -20.00
N LEU A 187 15.15 4.21 -18.74
CA LEU A 187 15.87 5.11 -17.85
C LEU A 187 17.37 5.04 -18.10
N GLU A 188 17.99 6.20 -18.28
CA GLU A 188 19.43 6.33 -18.49
C GLU A 188 20.12 7.07 -17.36
N ARG A 189 19.46 8.06 -16.76
CA ARG A 189 19.95 8.73 -15.56
C ARG A 189 21.37 9.29 -15.75
N ASP A 190 21.63 9.86 -16.92
CA ASP A 190 22.94 10.39 -17.25
C ASP A 190 22.89 11.91 -17.13
N LYS A 191 23.52 12.44 -16.07
CA LYS A 191 23.46 13.88 -15.82
C LYS A 191 24.10 14.70 -16.92
N GLN A 192 24.96 14.10 -17.74
CA GLN A 192 25.50 14.76 -18.93
C GLN A 192 24.78 14.32 -20.20
N GLY A 193 23.73 13.51 -20.07
CA GLY A 193 22.95 13.09 -21.21
C GLY A 193 21.47 13.28 -20.99
N ARG A 194 20.71 12.19 -21.03
CA ARG A 194 19.28 12.21 -20.80
C ARG A 194 18.93 11.48 -19.52
N TYR A 195 17.85 11.91 -18.87
CA TYR A 195 17.30 11.13 -17.78
C TYR A 195 16.64 9.86 -18.31
N ALA A 196 15.82 10.00 -19.35
CA ALA A 196 15.16 8.86 -19.97
C ALA A 196 15.07 9.11 -21.46
N ASP A 197 14.99 8.03 -22.22
CA ASP A 197 14.85 8.10 -23.67
C ASP A 197 13.36 8.28 -24.00
N PRO A 198 12.94 9.44 -24.53
CA PRO A 198 11.51 9.62 -24.80
C PRO A 198 10.91 8.58 -25.75
N ALA A 199 11.72 8.02 -26.65
CA ALA A 199 11.22 7.01 -27.58
C ALA A 199 10.85 5.69 -26.90
N LYS A 200 11.28 5.47 -25.66
CA LYS A 200 11.01 4.23 -24.92
C LYS A 200 9.96 4.40 -23.83
N VAL A 201 9.29 5.55 -23.78
CA VAL A 201 8.21 5.80 -22.83
C VAL A 201 6.94 5.97 -23.66
N HIS A 202 5.93 5.13 -23.40
CA HIS A 202 4.79 5.02 -24.29
C HIS A 202 3.48 5.34 -23.57
N ARG A 203 2.59 6.03 -24.30
CA ARG A 203 1.20 6.13 -23.89
C ARG A 203 0.51 4.80 -24.16
N ILE A 204 -0.22 4.28 -23.19
CA ILE A 204 -0.98 3.05 -23.40
C ILE A 204 -2.44 3.43 -23.59
N ASP A 205 -3.18 2.51 -24.22
CA ASP A 205 -4.60 2.69 -24.46
C ASP A 205 -5.28 1.37 -24.15
N HIS A 206 -6.37 1.43 -23.38
CA HIS A 206 -7.08 0.21 -23.03
C HIS A 206 -8.56 0.53 -22.91
N GLU A 207 -9.39 -0.29 -23.56
CA GLU A 207 -10.83 -0.14 -23.53
C GLU A 207 -11.42 -1.55 -23.46
N GLY A 208 -11.76 -1.98 -22.25
CA GLY A 208 -12.26 -3.32 -22.07
C GLY A 208 -13.70 -3.31 -21.57
N PRO A 209 -14.25 -4.51 -21.35
CA PRO A 209 -15.62 -4.59 -20.82
C PRO A 209 -15.75 -4.10 -19.40
N TYR A 210 -14.66 -4.10 -18.63
CA TYR A 210 -14.69 -3.70 -17.23
C TYR A 210 -13.80 -2.51 -16.90
N PHE A 211 -12.69 -2.33 -17.61
CA PHE A 211 -11.75 -1.27 -17.28
C PHE A 211 -11.40 -0.45 -18.50
N ARG A 212 -10.95 0.78 -18.25
CA ARG A 212 -10.54 1.71 -19.29
C ARG A 212 -9.33 2.49 -18.78
N SER A 213 -8.39 2.78 -19.67
CA SER A 213 -7.22 3.57 -19.30
C SER A 213 -6.63 4.18 -20.55
N ASN A 214 -6.23 5.45 -20.46
CA ASN A 214 -5.55 6.14 -21.54
C ASN A 214 -4.50 7.04 -20.92
N GLY A 215 -3.23 6.78 -21.22
CA GLY A 215 -2.19 7.70 -20.83
C GLY A 215 -0.92 6.96 -20.47
N TYR A 216 -0.07 7.64 -19.73
CA TYR A 216 1.22 7.09 -19.35
C TYR A 216 1.10 6.27 -18.06
N GLY A 217 2.06 5.39 -17.84
CA GLY A 217 2.16 4.66 -16.58
C GLY A 217 3.02 5.40 -15.57
N ASN A 218 2.68 5.26 -14.28
CA ASN A 218 3.41 6.00 -13.23
C ASN A 218 4.79 5.41 -13.00
N THR A 219 4.94 4.09 -13.05
CA THR A 219 6.20 3.45 -12.67
C THR A 219 6.96 2.97 -13.89
N SER A 220 8.29 3.12 -13.85
CA SER A 220 9.11 2.59 -14.94
C SER A 220 9.24 1.08 -14.80
N TYR A 221 9.88 0.47 -15.81
CA TYR A 221 9.98 -0.98 -15.85
C TYR A 221 10.73 -1.50 -14.62
N SER A 222 10.05 -2.32 -13.83
CA SER A 222 10.58 -2.79 -12.55
C SER A 222 11.49 -4.00 -12.77
N PRO A 223 12.22 -4.44 -11.73
CA PRO A 223 13.20 -5.54 -11.94
C PRO A 223 12.63 -6.82 -12.54
N GLN A 224 11.46 -7.29 -12.10
CA GLN A 224 10.81 -8.42 -12.75
C GLN A 224 9.84 -8.02 -13.84
N GLY A 225 9.60 -6.72 -14.04
CA GLY A 225 8.59 -6.25 -14.96
C GLY A 225 7.18 -6.43 -14.40
N THR A 226 6.78 -7.68 -14.25
CA THR A 226 5.50 -8.08 -13.69
C THR A 226 5.79 -8.90 -12.46
N PRO A 227 5.08 -8.70 -11.34
CA PRO A 227 5.28 -9.58 -10.17
C PRO A 227 5.09 -11.03 -10.55
N VAL A 228 5.70 -11.96 -9.82
CA VAL A 228 5.41 -13.36 -10.09
C VAL A 228 3.93 -13.59 -9.88
N LEU A 229 3.27 -14.18 -10.86
CA LEU A 229 1.81 -14.32 -10.83
C LEU A 229 1.46 -15.66 -10.22
N PHE A 230 1.06 -15.62 -8.96
CA PHE A 230 0.39 -16.77 -8.38
C PHE A 230 -1.08 -16.69 -8.73
N GLN A 231 -1.75 -17.83 -8.69
CA GLN A 231 -3.18 -17.83 -8.92
C GLN A 231 -3.80 -18.92 -8.07
N ALA A 232 -4.94 -18.59 -7.47
CA ALA A 232 -5.62 -19.47 -6.54
C ALA A 232 -7.11 -19.41 -6.83
N GLY A 233 -7.70 -20.55 -7.14
CA GLY A 233 -9.09 -20.60 -7.57
C GLY A 233 -9.24 -21.79 -8.50
N SER A 234 -9.71 -22.92 -7.97
N SER A 234 -9.74 -22.89 -7.95
CA SER A 234 -9.68 -24.18 -8.69
CA SER A 234 -9.71 -24.19 -8.61
C SER A 234 -11.06 -24.60 -9.20
C SER A 234 -11.04 -24.57 -9.23
N SER A 235 -11.99 -23.66 -9.33
CA SER A 235 -13.20 -23.94 -10.09
C SER A 235 -12.80 -24.13 -11.54
N GLU A 236 -13.71 -24.72 -12.32
CA GLU A 236 -13.41 -24.92 -13.73
C GLU A 236 -13.04 -23.61 -14.41
N ARG A 237 -13.82 -22.56 -14.16
CA ARG A 237 -13.50 -21.27 -14.75
C ARG A 237 -12.18 -20.74 -14.22
N GLY A 238 -11.85 -21.03 -12.96
CA GLY A 238 -10.60 -20.56 -12.39
C GLY A 238 -9.38 -21.29 -12.94
N ARG A 239 -9.53 -22.58 -13.25
CA ARG A 239 -8.42 -23.31 -13.87
C ARG A 239 -8.11 -22.77 -15.26
N GLN A 240 -9.15 -22.41 -16.02
CA GLN A 240 -8.94 -21.76 -17.31
C GLN A 240 -8.20 -20.44 -17.14
N PHE A 241 -8.62 -19.64 -16.15
CA PHE A 241 -7.94 -18.38 -15.88
C PHE A 241 -6.48 -18.62 -15.47
N GLY A 242 -6.25 -19.53 -14.53
CA GLY A 242 -4.89 -19.81 -14.11
C GLY A 242 -4.05 -20.38 -15.24
N GLY A 243 -4.63 -21.26 -16.05
CA GLY A 243 -3.90 -21.80 -17.19
C GLY A 243 -3.44 -20.73 -18.16
N ARG A 244 -4.20 -19.64 -18.27
CA ARG A 244 -3.77 -18.56 -19.15
C ARG A 244 -2.74 -17.66 -18.47
N HIS A 245 -3.02 -17.21 -17.24
CA HIS A 245 -2.26 -16.12 -16.63
C HIS A 245 -1.32 -16.55 -15.53
N GLY A 246 -1.63 -17.61 -14.80
CA GLY A 246 -0.86 -17.93 -13.60
C GLY A 246 0.48 -18.58 -13.93
N GLU A 247 1.53 -18.11 -13.25
CA GLU A 247 2.84 -18.75 -13.30
C GLU A 247 2.98 -19.83 -12.24
N CYS A 248 2.44 -19.61 -11.05
CA CYS A 248 2.44 -20.60 -9.97
C CYS A 248 1.02 -20.76 -9.48
N ILE A 249 0.46 -21.94 -9.64
CA ILE A 249 -0.92 -22.21 -9.26
C ILE A 249 -0.94 -22.85 -7.88
N PHE A 250 -1.69 -22.24 -6.97
CA PHE A 250 -1.88 -22.70 -5.61
C PHE A 250 -3.11 -23.61 -5.58
N LEU A 251 -2.90 -24.89 -5.26
CA LEU A 251 -3.97 -25.87 -5.18
C LEU A 251 -4.21 -26.32 -3.74
N GLY A 252 -5.47 -26.52 -3.37
CA GLY A 252 -5.77 -27.12 -2.09
C GLY A 252 -5.35 -28.58 -2.05
N GLY A 253 -5.30 -29.13 -0.84
CA GLY A 253 -4.96 -30.55 -0.71
C GLY A 253 -6.08 -31.44 -1.20
N ALA A 254 -5.70 -32.63 -1.69
CA ALA A 254 -6.66 -33.62 -2.16
C ALA A 254 -5.94 -34.97 -2.26
N PRO A 255 -6.69 -36.07 -2.32
CA PRO A 255 -6.05 -37.36 -2.58
C PRO A 255 -5.27 -37.32 -3.89
N ILE A 256 -4.18 -38.10 -3.92
CA ILE A 256 -3.25 -38.03 -5.05
C ILE A 256 -3.95 -38.18 -6.40
N PRO A 257 -4.83 -39.15 -6.62
CA PRO A 257 -5.47 -39.26 -7.95
C PRO A 257 -6.31 -38.05 -8.32
N LYS A 258 -6.91 -37.37 -7.33
CA LYS A 258 -7.69 -36.16 -7.63
C LYS A 258 -6.79 -34.95 -7.87
N LEU A 259 -5.75 -34.78 -7.06
CA LEU A 259 -4.76 -33.74 -7.31
C LEU A 259 -4.13 -33.91 -8.68
N ALA A 260 -3.79 -35.16 -9.04
CA ALA A 260 -3.13 -35.43 -10.31
C ALA A 260 -4.00 -35.01 -11.48
N GLU A 261 -5.32 -35.26 -11.37
CA GLU A 261 -6.24 -34.86 -12.44
C GLU A 261 -6.30 -33.36 -12.58
N GLN A 262 -6.21 -32.65 -11.45
CA GLN A 262 -6.26 -31.19 -11.50
C GLN A 262 -5.01 -30.64 -12.16
N VAL A 263 -3.84 -31.14 -11.74
CA VAL A 263 -2.58 -30.73 -12.35
C VAL A 263 -2.60 -30.99 -13.85
N ARG A 264 -3.08 -32.18 -14.23
CA ARG A 264 -3.19 -32.52 -15.64
C ARG A 264 -4.06 -31.52 -16.39
N ALA A 265 -5.24 -31.22 -15.82
CA ALA A 265 -6.16 -30.30 -16.49
C ALA A 265 -5.54 -28.91 -16.63
N ILE A 266 -4.80 -28.47 -15.62
CA ILE A 266 -4.29 -27.09 -15.62
C ILE A 266 -3.13 -26.97 -16.61
N ARG A 267 -2.26 -27.99 -16.67
CA ARG A 267 -1.20 -27.97 -17.69
C ARG A 267 -1.77 -27.99 -19.10
N ALA A 268 -2.86 -28.73 -19.32
CA ALA A 268 -3.52 -28.73 -20.62
C ALA A 268 -4.08 -27.36 -20.97
N GLU A 269 -4.61 -26.65 -19.97
CA GLU A 269 -5.06 -25.27 -20.19
C GLU A 269 -3.90 -24.37 -20.59
N ALA A 270 -2.74 -24.53 -19.95
CA ALA A 270 -1.58 -23.71 -20.30
C ALA A 270 -1.12 -23.99 -21.73
N VAL A 271 -1.05 -25.27 -22.10
CA VAL A 271 -0.67 -25.64 -23.47
C VAL A 271 -1.62 -25.00 -24.48
N ALA A 272 -2.92 -25.00 -24.17
CA ALA A 272 -3.92 -24.40 -25.04
C ALA A 272 -3.71 -22.90 -25.22
N GLU A 273 -3.04 -22.25 -24.29
CA GLU A 273 -2.75 -20.82 -24.39
C GLU A 273 -1.39 -20.55 -25.01
N GLY A 274 -0.78 -21.56 -25.65
CA GLY A 274 0.53 -21.40 -26.24
C GLY A 274 1.69 -21.35 -25.27
N ARG A 275 1.53 -21.89 -24.06
CA ARG A 275 2.63 -22.01 -23.11
C ARG A 275 3.17 -23.44 -23.11
N ALA A 276 4.43 -23.59 -22.67
CA ALA A 276 4.99 -24.93 -22.51
C ALA A 276 4.44 -25.55 -21.22
N ALA A 277 4.19 -26.87 -21.26
CA ALA A 277 3.43 -27.50 -20.19
C ALA A 277 4.17 -27.42 -18.86
N ASP A 278 5.49 -27.55 -18.91
CA ASP A 278 6.36 -27.49 -17.75
C ASP A 278 6.55 -26.07 -17.22
N SER A 279 6.13 -25.06 -17.98
CA SER A 279 6.42 -23.68 -17.63
C SER A 279 5.42 -23.07 -16.65
N ILE A 280 4.32 -23.76 -16.36
CA ILE A 280 3.41 -23.37 -15.28
C ILE A 280 3.73 -24.26 -14.10
N LYS A 281 3.76 -23.69 -12.89
CA LYS A 281 4.19 -24.41 -11.70
C LYS A 281 2.99 -24.66 -10.79
N LEU A 282 2.85 -25.92 -10.35
CA LEU A 282 1.70 -26.34 -9.56
C LEU A 282 2.19 -26.59 -8.14
N MET A 283 1.62 -25.86 -7.18
CA MET A 283 2.07 -25.95 -5.80
C MET A 283 0.88 -26.21 -4.90
N ALA A 284 1.02 -27.20 -4.03
CA ALA A 284 -0.10 -27.70 -3.24
C ALA A 284 0.02 -27.24 -1.78
N ALA A 285 -1.12 -26.97 -1.16
CA ALA A 285 -1.12 -26.71 0.28
C ALA A 285 -0.75 -28.00 1.01
N PHE A 286 -0.02 -27.85 2.10
CA PHE A 286 0.45 -29.00 2.86
C PHE A 286 0.55 -28.59 4.32
N SER A 287 -0.21 -29.24 5.19
CA SER A 287 -0.12 -29.00 6.61
C SER A 287 0.34 -30.27 7.30
N CYS A 288 1.08 -30.08 8.40
CA CYS A 288 1.63 -31.26 9.07
C CYS A 288 1.87 -30.93 10.54
N VAL A 289 1.79 -31.98 11.35
CA VAL A 289 2.16 -31.93 12.76
C VAL A 289 3.26 -32.97 12.97
N ILE A 290 4.42 -32.52 13.46
CA ILE A 290 5.63 -33.33 13.53
C ILE A 290 6.01 -33.54 14.99
N ALA A 291 6.42 -34.76 15.32
CA ALA A 291 6.93 -35.10 16.63
C ALA A 291 7.88 -36.27 16.50
N PRO A 292 8.71 -36.55 17.52
CA PRO A 292 9.68 -37.64 17.40
C PRO A 292 9.05 -39.03 17.25
N THR A 293 7.85 -39.27 17.78
CA THR A 293 7.14 -40.51 17.55
C THR A 293 5.75 -40.22 17.01
N HIS A 294 5.16 -41.24 16.39
CA HIS A 294 3.82 -41.06 15.82
C HIS A 294 2.79 -40.76 16.92
N GLU A 295 2.84 -41.52 18.03
CA GLU A 295 1.88 -41.28 19.11
C GLU A 295 2.04 -39.88 19.69
N GLU A 296 3.28 -39.40 19.79
CA GLU A 296 3.51 -38.02 20.23
C GLU A 296 2.85 -37.03 19.27
N ALA A 297 2.90 -37.31 17.97
CA ALA A 297 2.34 -36.41 16.98
C ALA A 297 0.82 -36.43 17.00
N VAL A 298 0.23 -37.60 17.23
CA VAL A 298 -1.22 -37.68 17.36
C VAL A 298 -1.70 -36.84 18.54
N GLN A 299 -1.00 -36.95 19.68
CA GLN A 299 -1.37 -36.19 20.86
C GLN A 299 -1.12 -34.70 20.66
N LYS A 300 -0.07 -34.37 19.92
CA LYS A 300 0.24 -32.98 19.64
C LYS A 300 -0.85 -32.35 18.79
N TYR A 301 -1.36 -33.11 17.81
CA TYR A 301 -2.47 -32.62 17.00
C TYR A 301 -3.75 -32.51 17.82
N GLN A 302 -4.00 -33.48 18.70
CA GLN A 302 -5.22 -33.44 19.51
C GLN A 302 -5.24 -32.22 20.42
N GLU A 303 -4.07 -31.78 20.90
CA GLU A 303 -4.02 -30.58 21.72
C GLU A 303 -4.37 -29.34 20.91
N VAL A 304 -4.18 -29.38 19.59
CA VAL A 304 -4.62 -28.28 18.73
C VAL A 304 -6.12 -28.33 18.54
N LEU A 305 -6.65 -29.50 18.15
CA LEU A 305 -8.09 -29.66 18.00
C LEU A 305 -8.84 -29.30 19.28
N ASP A 306 -8.21 -29.54 20.45
CA ASP A 306 -8.85 -29.23 21.73
C ASP A 306 -9.18 -27.75 21.87
N SER A 307 -8.41 -26.88 21.23
CA SER A 307 -8.62 -25.44 21.37
C SER A 307 -9.65 -24.87 20.40
N GLN A 308 -10.19 -25.69 19.51
CA GLN A 308 -11.08 -25.23 18.46
C GLN A 308 -12.52 -25.58 18.81
N THR A 309 -13.33 -24.56 19.10
CA THR A 309 -14.74 -24.84 19.38
C THR A 309 -15.51 -25.10 18.08
N PRO A 310 -16.42 -26.07 18.08
CA PRO A 310 -17.26 -26.28 16.89
C PRO A 310 -18.25 -25.15 16.62
N GLU A 311 -18.42 -24.23 17.57
CA GLU A 311 -19.45 -23.21 17.44
C GLU A 311 -19.21 -22.26 16.27
N VAL A 312 -17.98 -22.23 15.72
CA VAL A 312 -17.68 -21.35 14.60
C VAL A 312 -18.16 -21.87 13.26
N ALA A 313 -18.59 -23.13 13.19
CA ALA A 313 -18.77 -23.81 11.90
C ALA A 313 -19.76 -23.09 11.00
N VAL A 314 -20.93 -22.73 11.54
CA VAL A 314 -21.96 -22.09 10.71
C VAL A 314 -21.46 -20.76 10.17
N ALA A 315 -20.91 -19.91 11.04
CA ALA A 315 -20.38 -18.63 10.58
C ALA A 315 -19.19 -18.83 9.64
N SER A 316 -18.30 -19.76 9.97
CA SER A 316 -17.12 -19.98 9.15
C SER A 316 -17.50 -20.38 7.73
N TYR A 317 -18.41 -21.34 7.60
CA TYR A 317 -18.81 -21.78 6.26
C TYR A 317 -19.54 -20.68 5.51
N ALA A 318 -20.40 -19.91 6.21
CA ALA A 318 -21.09 -18.79 5.57
C ALA A 318 -20.11 -17.72 5.10
N TRP A 319 -18.98 -17.57 5.81
CA TRP A 319 -17.97 -16.59 5.43
C TRP A 319 -17.51 -16.79 4.00
N PHE A 320 -17.40 -18.04 3.55
CA PHE A 320 -16.85 -18.32 2.23
C PHE A 320 -17.91 -18.60 1.19
N THR A 321 -19.12 -19.02 1.59
CA THR A 321 -20.14 -19.43 0.65
C THR A 321 -21.45 -18.65 0.76
N GLY A 322 -21.65 -17.90 1.84
CA GLY A 322 -22.95 -17.29 2.08
C GLY A 322 -24.03 -18.26 2.46
N LEU A 323 -23.71 -19.54 2.67
CA LEU A 323 -24.67 -20.58 2.98
C LEU A 323 -24.70 -20.85 4.47
N ASP A 324 -25.91 -21.01 5.02
CA ASP A 324 -26.14 -21.25 6.44
C ASP A 324 -26.51 -22.71 6.60
N LEU A 325 -25.55 -23.52 7.07
CA LEU A 325 -25.75 -24.97 7.08
C LEU A 325 -26.75 -25.41 8.15
N SER A 326 -26.87 -24.68 9.26
CA SER A 326 -27.84 -25.02 10.27
C SER A 326 -29.28 -24.78 9.80
N SER A 327 -29.48 -24.12 8.67
CA SER A 327 -30.81 -23.84 8.14
C SER A 327 -31.30 -24.92 7.18
N TYR A 328 -30.61 -26.04 7.07
CA TYR A 328 -31.06 -27.19 6.31
C TYR A 328 -31.14 -28.40 7.22
N ASP A 329 -32.06 -29.32 6.89
CA ASP A 329 -32.01 -30.62 7.53
C ASP A 329 -30.74 -31.34 7.08
N PRO A 330 -30.06 -32.05 7.98
CA PRO A 330 -28.79 -32.68 7.61
C PRO A 330 -28.89 -33.60 6.41
N SER A 331 -30.07 -34.18 6.15
CA SER A 331 -30.22 -35.10 5.01
C SER A 331 -30.04 -34.41 3.67
N THR A 332 -30.16 -33.09 3.61
CA THR A 332 -30.00 -32.37 2.35
C THR A 332 -28.59 -32.56 1.81
N PRO A 333 -28.41 -33.15 0.63
CA PRO A 333 -27.06 -33.36 0.10
C PRO A 333 -26.45 -32.05 -0.39
N MET A 334 -25.13 -31.94 -0.20
CA MET A 334 -24.39 -30.75 -0.65
C MET A 334 -24.55 -30.52 -2.13
N SER A 335 -24.79 -31.58 -2.91
CA SER A 335 -24.91 -31.47 -4.36
C SER A 335 -26.03 -30.52 -4.78
N GLU A 336 -26.97 -30.23 -3.89
CA GLU A 336 -28.07 -29.32 -4.20
C GLU A 336 -27.79 -27.87 -3.83
N LEU A 337 -26.73 -27.60 -3.06
CA LEU A 337 -26.39 -26.23 -2.70
C LEU A 337 -25.53 -25.59 -3.78
N HIS A 338 -25.68 -24.27 -3.92
CA HIS A 338 -24.99 -23.50 -4.94
C HIS A 338 -24.59 -22.15 -4.37
N THR A 339 -23.45 -21.63 -4.83
CA THR A 339 -22.99 -20.31 -4.40
C THR A 339 -22.32 -19.60 -5.56
N GLU A 340 -22.39 -18.26 -5.53
CA GLU A 340 -21.63 -17.40 -6.43
C GLU A 340 -20.31 -16.97 -5.82
N LEU A 341 -19.99 -17.45 -4.62
CA LEU A 341 -18.78 -17.07 -3.91
C LEU A 341 -17.69 -18.11 -4.11
N SER A 342 -17.23 -18.74 -3.03
CA SER A 342 -16.16 -19.75 -3.10
C SER A 342 -16.79 -21.08 -3.51
N GLN A 343 -16.86 -21.31 -4.83
CA GLN A 343 -17.59 -22.47 -5.35
C GLN A 343 -16.89 -23.78 -5.01
N THR A 344 -15.56 -23.78 -4.87
CA THR A 344 -14.86 -25.02 -4.52
C THR A 344 -15.26 -25.51 -3.13
N GLN A 345 -15.56 -24.59 -2.21
CA GLN A 345 -16.01 -24.99 -0.88
C GLN A 345 -17.40 -25.62 -0.89
N VAL A 346 -18.11 -25.56 -2.00
CA VAL A 346 -19.36 -26.31 -2.17
C VAL A 346 -19.13 -27.58 -2.99
N ALA A 347 -18.30 -27.49 -4.04
CA ALA A 347 -18.09 -28.63 -4.92
C ALA A 347 -17.28 -29.73 -4.25
N ARG A 348 -16.40 -29.38 -3.31
CA ARG A 348 -15.53 -30.37 -2.68
C ARG A 348 -16.30 -31.40 -1.85
N PHE A 349 -17.55 -31.12 -1.49
CA PHE A 349 -18.36 -32.03 -0.69
C PHE A 349 -19.52 -32.63 -1.47
N ALA A 350 -19.42 -32.68 -2.80
CA ALA A 350 -20.47 -33.28 -3.61
C ALA A 350 -20.51 -34.78 -3.36
N GLY A 351 -21.66 -35.27 -2.89
CA GLY A 351 -21.82 -36.65 -2.47
C GLY A 351 -22.04 -36.78 -0.98
N LEU A 352 -21.48 -35.87 -0.19
CA LEU A 352 -21.80 -35.79 1.24
C LEU A 352 -23.07 -34.97 1.39
N THR A 353 -23.43 -34.68 2.64
CA THR A 353 -24.65 -33.95 2.96
C THR A 353 -24.30 -32.77 3.87
N VAL A 354 -25.31 -31.95 4.17
CA VAL A 354 -25.11 -30.78 5.02
C VAL A 354 -24.58 -31.20 6.39
N GLY A 355 -25.26 -32.14 7.04
CA GLY A 355 -24.86 -32.55 8.38
C GLY A 355 -23.48 -33.18 8.45
N ASP A 356 -23.05 -33.83 7.36
CA ASP A 356 -21.71 -34.42 7.33
C ASP A 356 -20.64 -33.36 7.56
N VAL A 357 -20.59 -32.36 6.69
CA VAL A 357 -19.50 -31.39 6.77
C VAL A 357 -19.76 -30.34 7.84
N LEU A 358 -21.01 -30.06 8.19
CA LEU A 358 -21.28 -29.24 9.37
C LEU A 358 -20.61 -29.82 10.61
N ALA A 359 -20.43 -31.15 10.65
CA ALA A 359 -19.89 -31.80 11.84
C ALA A 359 -18.38 -31.65 11.96
N ASP A 360 -17.66 -31.52 10.84
CA ASP A 360 -16.20 -31.47 10.87
C ASP A 360 -15.63 -30.20 10.25
N TRP A 361 -16.48 -29.23 9.88
CA TRP A 361 -15.98 -28.07 9.16
C TRP A 361 -15.03 -27.23 10.02
N HIS A 362 -15.35 -27.08 11.31
CA HIS A 362 -14.54 -26.24 12.18
C HIS A 362 -13.10 -26.72 12.28
N ALA A 363 -12.88 -28.03 12.08
CA ALA A 363 -11.54 -28.59 12.29
C ALA A 363 -10.54 -28.05 11.28
N HIS A 364 -10.92 -27.96 10.00
CA HIS A 364 -9.98 -27.60 8.95
C HIS A 364 -10.45 -26.50 8.02
N GLY A 365 -11.73 -26.14 8.03
CA GLY A 365 -12.19 -25.02 7.22
C GLY A 365 -11.95 -25.28 5.75
N VAL A 366 -11.36 -24.29 5.07
CA VAL A 366 -11.07 -24.44 3.64
C VAL A 366 -9.86 -25.31 3.35
N ARG A 367 -9.13 -25.73 4.39
CA ARG A 367 -7.97 -26.59 4.18
C ARG A 367 -8.37 -28.06 4.31
N THR A 368 -7.38 -28.94 4.39
CA THR A 368 -7.57 -30.37 4.59
C THR A 368 -6.80 -30.82 5.83
N LYS A 369 -7.02 -32.07 6.23
CA LYS A 369 -6.40 -32.55 7.46
C LYS A 369 -4.88 -32.57 7.32
N PRO A 370 -4.14 -32.28 8.39
CA PRO A 370 -2.69 -32.34 8.30
C PRO A 370 -2.20 -33.77 8.23
N VAL A 371 -0.99 -33.92 7.67
CA VAL A 371 -0.25 -35.17 7.79
C VAL A 371 0.40 -35.17 9.18
N VAL A 372 0.11 -36.19 9.97
CA VAL A 372 0.53 -36.24 11.36
C VAL A 372 1.44 -37.43 11.53
N GLY A 373 2.69 -37.19 11.93
CA GLY A 373 3.61 -38.28 12.19
C GLY A 373 5.00 -37.78 12.48
N THR A 374 5.97 -38.67 12.30
CA THR A 374 7.38 -38.36 12.54
C THR A 374 7.93 -37.55 11.38
N PRO A 375 9.13 -36.97 11.54
CA PRO A 375 9.74 -36.28 10.40
C PRO A 375 9.92 -37.16 9.18
N GLU A 376 10.27 -38.43 9.37
CA GLU A 376 10.40 -39.31 8.22
C GLU A 376 9.06 -39.57 7.57
N GLU A 377 8.01 -39.77 8.36
CA GLU A 377 6.66 -39.96 7.80
C GLU A 377 6.23 -38.74 7.00
N VAL A 378 6.49 -37.54 7.51
CA VAL A 378 6.03 -36.34 6.82
C VAL A 378 6.82 -36.14 5.52
N ALA A 379 8.14 -36.35 5.56
CA ALA A 379 8.93 -36.22 4.34
C ALA A 379 8.50 -37.23 3.28
N ASP A 380 8.24 -38.48 3.68
CA ASP A 380 7.73 -39.47 2.75
C ASP A 380 6.42 -39.00 2.11
N ALA A 381 5.53 -38.41 2.91
CA ALA A 381 4.26 -37.94 2.37
C ALA A 381 4.46 -36.80 1.37
N ILE A 382 5.42 -35.92 1.63
CA ILE A 382 5.73 -34.85 0.69
C ILE A 382 6.22 -35.42 -0.63
N VAL A 383 7.14 -36.39 -0.56
CA VAL A 383 7.67 -36.96 -1.80
C VAL A 383 6.58 -37.71 -2.56
N GLU A 384 5.76 -38.50 -1.85
CA GLU A 384 4.72 -39.28 -2.52
C GLU A 384 3.71 -38.38 -3.20
N LEU A 385 3.42 -37.22 -2.61
CA LEU A 385 2.48 -36.28 -3.19
C LEU A 385 3.06 -35.65 -4.45
N ALA A 386 4.32 -35.20 -4.39
CA ALA A 386 4.91 -34.52 -5.52
C ALA A 386 5.05 -35.46 -6.71
N GLU A 387 5.52 -36.69 -6.48
CA GLU A 387 5.68 -37.65 -7.57
C GLU A 387 4.33 -38.06 -8.14
N GLY A 388 3.36 -38.34 -7.28
CA GLY A 388 2.10 -38.88 -7.76
C GLY A 388 1.22 -37.86 -8.47
N ALA A 389 1.38 -36.59 -8.11
CA ALA A 389 0.51 -35.55 -8.63
C ALA A 389 1.22 -34.59 -9.58
N ASP A 390 2.51 -34.84 -9.86
CA ASP A 390 3.29 -34.02 -10.78
C ASP A 390 3.38 -32.56 -10.30
N LEU A 391 3.57 -32.38 -8.99
CA LEU A 391 3.65 -31.06 -8.38
C LEU A 391 5.06 -30.50 -8.47
N ASP A 392 5.13 -29.18 -8.43
CA ASP A 392 6.39 -28.47 -8.47
C ASP A 392 6.81 -27.92 -7.12
N GLY A 393 5.96 -28.02 -6.11
CA GLY A 393 6.26 -27.36 -4.84
C GLY A 393 5.08 -27.42 -3.90
N PHE A 394 5.29 -26.84 -2.71
CA PHE A 394 4.32 -26.84 -1.64
C PHE A 394 4.32 -25.49 -0.93
N LEU A 395 3.16 -25.14 -0.41
CA LEU A 395 3.03 -24.05 0.57
C LEU A 395 2.67 -24.67 1.89
N LEU A 396 3.53 -24.51 2.89
CA LEU A 396 3.24 -25.02 4.22
C LEU A 396 2.09 -24.22 4.82
N THR A 397 1.04 -24.93 5.25
CA THR A 397 -0.08 -24.23 5.88
C THR A 397 -0.05 -24.55 7.36
N PRO A 398 0.46 -23.64 8.19
CA PRO A 398 0.70 -23.97 9.59
C PRO A 398 -0.60 -24.17 10.34
N VAL A 399 -0.52 -24.99 11.39
CA VAL A 399 -1.62 -25.15 12.32
C VAL A 399 -1.55 -24.10 13.43
N ILE A 400 -0.35 -23.85 13.94
CA ILE A 400 -0.09 -22.79 14.90
C ILE A 400 1.23 -22.13 14.52
N GLN A 401 1.36 -20.85 14.83
CA GLN A 401 2.58 -20.10 14.51
C GLN A 401 3.28 -19.58 15.77
N PRO A 402 4.63 -19.52 15.74
CA PRO A 402 5.47 -19.97 14.61
C PRO A 402 5.81 -21.46 14.66
N GLY A 403 5.14 -22.20 15.56
CA GLY A 403 5.58 -23.54 15.88
C GLY A 403 5.54 -24.50 14.70
N SER A 404 4.45 -24.49 13.94
CA SER A 404 4.37 -25.38 12.79
C SER A 404 5.46 -25.09 11.78
N THR A 405 5.76 -23.80 11.55
CA THR A 405 6.82 -23.44 10.62
C THR A 405 8.18 -23.90 11.12
N ILE A 406 8.48 -23.63 12.39
CA ILE A 406 9.78 -24.02 12.96
C ILE A 406 9.95 -25.54 12.90
N ASP A 407 8.91 -26.29 13.28
CA ASP A 407 9.01 -27.75 13.27
C ASP A 407 9.35 -28.28 11.87
N PHE A 408 8.67 -27.76 10.85
CA PHE A 408 8.96 -28.20 9.48
C PHE A 408 10.39 -27.89 9.11
N ILE A 409 10.86 -26.69 9.44
CA ILE A 409 12.21 -26.26 9.08
C ILE A 409 13.26 -27.08 9.81
N GLU A 410 13.06 -27.34 11.12
CA GLU A 410 14.10 -27.98 11.92
C GLU A 410 14.16 -29.49 11.71
N HIS A 411 13.06 -30.12 11.29
CA HIS A 411 12.98 -31.57 11.32
C HIS A 411 12.69 -32.22 9.97
N VAL A 412 11.95 -31.57 9.08
CA VAL A 412 11.57 -32.18 7.82
C VAL A 412 12.37 -31.63 6.65
N LEU A 413 12.52 -30.30 6.58
CA LEU A 413 13.35 -29.71 5.53
C LEU A 413 14.76 -30.31 5.44
N PRO A 414 15.44 -30.61 6.56
CA PRO A 414 16.76 -31.27 6.41
C PRO A 414 16.68 -32.64 5.73
N ILE A 415 15.62 -33.41 5.98
CA ILE A 415 15.48 -34.69 5.28
C ILE A 415 15.31 -34.45 3.79
N LEU A 416 14.41 -33.54 3.41
CA LEU A 416 14.18 -33.27 2.00
C LEU A 416 15.45 -32.82 1.30
N ARG A 417 16.29 -32.04 2.00
CA ARG A 417 17.52 -31.57 1.38
C ARG A 417 18.53 -32.69 1.21
N GLU A 418 18.62 -33.56 2.21
CA GLU A 418 19.56 -34.68 2.10
C GLU A 418 19.13 -35.64 1.00
N ARG A 419 17.83 -35.87 0.84
CA ARG A 419 17.33 -36.70 -0.25
C ARG A 419 17.48 -36.06 -1.62
N GLY A 420 17.82 -34.77 -1.68
CA GLY A 420 18.01 -34.10 -2.94
C GLY A 420 16.76 -33.53 -3.57
N VAL A 421 15.63 -33.55 -2.86
CA VAL A 421 14.38 -33.04 -3.43
C VAL A 421 14.14 -31.58 -3.07
N ALA A 422 15.02 -30.97 -2.29
CA ALA A 422 14.98 -29.55 -1.99
C ALA A 422 16.38 -28.98 -2.14
N ALA A 423 16.46 -27.79 -2.71
CA ALA A 423 17.72 -27.06 -2.80
C ALA A 423 18.18 -26.64 -1.40
N SER A 424 19.49 -26.43 -1.25
CA SER A 424 20.06 -26.16 0.06
C SER A 424 19.95 -24.70 0.49
N GLY A 425 19.84 -23.76 -0.45
CA GLY A 425 19.75 -22.36 -0.11
C GLY A 425 19.21 -21.56 -1.28
N TYR A 426 19.40 -20.24 -1.21
CA TYR A 426 18.96 -19.35 -2.29
C TYR A 426 19.90 -19.46 -3.48
N ASP A 427 19.35 -19.79 -4.64
CA ASP A 427 20.11 -19.97 -5.86
C ASP A 427 20.13 -18.71 -6.73
N ALA A 428 19.04 -17.95 -6.73
CA ALA A 428 18.86 -16.81 -7.62
C ALA A 428 18.32 -15.64 -6.83
N PRO A 429 18.64 -14.42 -7.24
CA PRO A 429 18.23 -13.25 -6.47
C PRO A 429 16.78 -12.81 -6.63
N THR A 430 16.11 -13.10 -7.76
CA THR A 430 14.72 -12.69 -7.93
C THR A 430 13.77 -13.87 -7.78
N LEU A 431 12.51 -13.56 -7.43
CA LEU A 431 11.55 -14.62 -7.18
C LEU A 431 11.21 -15.41 -8.44
N ARG A 432 11.10 -14.73 -9.58
CA ARG A 432 10.77 -15.45 -10.81
C ARG A 432 11.90 -16.39 -11.22
N GLU A 433 13.14 -15.93 -11.11
CA GLU A 433 14.26 -16.83 -11.42
C GLU A 433 14.23 -18.07 -10.53
N ARG A 434 13.92 -17.89 -9.24
CA ARG A 434 13.97 -19.02 -8.32
C ARG A 434 12.84 -20.01 -8.55
N LEU A 435 11.64 -19.51 -8.85
CA LEU A 435 10.46 -20.37 -9.00
C LEU A 435 10.27 -20.90 -10.42
N LEU A 436 10.56 -20.08 -11.44
CA LEU A 436 10.31 -20.47 -12.83
C LEU A 436 11.58 -20.92 -13.55
N GLY A 437 12.76 -20.67 -12.98
CA GLY A 437 13.99 -21.05 -13.66
C GLY A 437 14.29 -20.28 -14.92
N THR A 438 13.72 -19.08 -15.07
CA THR A 438 14.02 -18.24 -16.22
C THR A 438 15.47 -17.79 -16.18
N GLU A 439 15.97 -17.37 -17.33
CA GLU A 439 17.35 -16.87 -17.42
C GLU A 439 17.48 -15.45 -16.89
N THR A 440 16.39 -14.71 -16.83
CA THR A 440 16.40 -13.36 -16.30
C THR A 440 15.17 -13.21 -15.44
N PRO A 441 14.99 -12.07 -14.75
CA PRO A 441 13.83 -11.94 -13.84
C PRO A 441 12.49 -11.73 -14.53
N VAL A 442 12.45 -11.52 -15.85
CA VAL A 442 11.20 -11.10 -16.49
C VAL A 442 10.41 -12.31 -16.99
N LEU A 443 9.11 -12.08 -17.27
CA LEU A 443 8.22 -13.14 -17.73
C LEU A 443 8.81 -13.90 -18.92
N ARG A 444 8.47 -15.19 -18.98
CA ARG A 444 8.75 -16.00 -20.15
C ARG A 444 8.14 -15.39 -21.41
N GLU A 445 8.83 -15.57 -22.54
CA GLU A 445 8.32 -15.06 -23.80
C GLU A 445 7.00 -15.68 -24.21
N ASP A 446 6.65 -16.87 -23.70
CA ASP A 446 5.39 -17.51 -24.05
C ASP A 446 4.28 -17.25 -23.02
N HIS A 447 4.52 -16.36 -22.06
CA HIS A 447 3.46 -15.91 -21.17
C HIS A 447 2.66 -14.78 -21.84
N PRO A 448 1.34 -14.75 -21.66
CA PRO A 448 0.54 -13.68 -22.30
C PRO A 448 1.02 -12.28 -21.99
N GLY A 449 1.58 -12.05 -20.81
CA GLY A 449 2.02 -10.71 -20.45
C GLY A 449 3.16 -10.21 -21.32
N ALA A 450 3.96 -11.13 -21.86
CA ALA A 450 5.09 -10.71 -22.70
C ALA A 450 4.62 -10.13 -24.02
N GLY A 451 3.42 -10.47 -24.47
CA GLY A 451 2.91 -9.96 -25.72
C GLY A 451 2.62 -8.47 -25.70
N TYR A 452 2.58 -7.86 -24.51
CA TYR A 452 2.27 -6.44 -24.36
C TYR A 452 3.53 -5.58 -24.28
N ARG A 453 4.71 -6.17 -24.34
CA ARG A 453 5.95 -5.40 -24.43
C ARG A 453 6.01 -4.60 -25.74
N ALA A 454 6.74 -3.49 -25.71
CA ALA A 454 6.94 -2.67 -26.89
C ALA A 454 7.86 -3.35 -27.90
N LYS B 9 7.58 29.49 22.29
CA LYS B 9 6.88 28.61 21.35
C LYS B 9 7.85 27.70 20.58
N GLN B 10 7.68 26.40 20.76
CA GLN B 10 8.56 25.42 20.12
C GLN B 10 7.98 25.04 18.76
N LEU B 11 8.75 25.27 17.70
CA LEU B 11 8.31 24.97 16.35
C LEU B 11 8.54 23.49 16.04
N ARG B 12 7.68 22.95 15.16
CA ARG B 12 7.85 21.61 14.61
C ARG B 12 8.55 21.69 13.26
N PHE B 13 9.31 20.65 12.93
CA PHE B 13 10.06 20.61 11.67
C PHE B 13 9.88 19.26 11.01
N GLY B 14 9.49 19.29 9.73
CA GLY B 14 9.45 18.08 8.92
C GLY B 14 10.22 18.26 7.64
N LEU B 15 10.42 17.16 6.92
CA LEU B 15 11.12 17.17 5.65
C LEU B 15 10.13 16.86 4.53
N PHE B 16 10.10 17.72 3.53
CA PHE B 16 9.26 17.49 2.35
C PHE B 16 10.05 16.65 1.35
N GLU B 17 9.47 15.54 0.94
CA GLU B 17 10.10 14.68 -0.05
C GLU B 17 9.06 14.20 -1.04
N ASN B 18 9.53 13.57 -2.12
CA ASN B 18 8.60 12.81 -2.93
C ASN B 18 9.35 11.69 -3.64
N ALA B 19 8.62 10.63 -3.95
CA ALA B 19 9.18 9.41 -4.52
C ALA B 19 9.25 9.53 -6.04
N GLN B 20 10.06 10.50 -6.48
CA GLN B 20 10.44 10.66 -7.87
C GLN B 20 11.68 11.55 -7.90
N THR B 21 12.29 11.65 -9.07
CA THR B 21 13.63 12.23 -9.16
C THR B 21 13.62 13.71 -8.84
N ASN B 22 12.69 14.44 -9.41
CA ASN B 22 12.55 15.89 -9.26
C ASN B 22 11.31 16.18 -8.45
N ASP B 23 11.08 17.46 -8.13
CA ASP B 23 9.90 17.80 -7.36
C ASP B 23 9.40 19.17 -7.77
N SER B 24 8.09 19.37 -7.57
CA SER B 24 7.44 20.67 -7.60
C SER B 24 7.55 21.36 -8.94
N GLY B 25 7.72 20.61 -10.01
CA GLY B 25 7.80 21.25 -11.30
C GLY B 25 9.16 21.80 -11.67
N THR B 26 10.18 21.61 -10.83
CA THR B 26 11.55 21.97 -11.18
C THR B 26 12.30 20.69 -11.53
N ALA B 27 13.53 20.85 -12.03
CA ALA B 27 14.38 19.70 -12.39
C ALA B 27 15.82 20.02 -12.04
N THR B 28 16.21 19.74 -10.79
CA THR B 28 17.57 19.97 -10.34
C THR B 28 18.44 18.72 -10.41
N TRP B 29 17.95 17.65 -11.05
CA TRP B 29 18.57 16.34 -10.90
C TRP B 29 20.00 16.28 -11.46
N ARG B 30 20.36 17.18 -12.38
CA ARG B 30 21.68 17.11 -12.98
C ARG B 30 22.77 17.71 -12.09
N HIS B 31 22.42 18.42 -11.04
CA HIS B 31 23.43 18.98 -10.14
C HIS B 31 24.32 17.85 -9.65
N PRO B 32 25.65 18.05 -9.64
CA PRO B 32 26.57 16.94 -9.32
C PRO B 32 26.29 16.24 -8.01
N ASP B 33 25.77 16.95 -7.01
CA ASP B 33 25.60 16.34 -5.70
C ASP B 33 24.21 15.77 -5.47
N ASN B 34 23.29 15.96 -6.41
CA ASN B 34 21.92 15.50 -6.22
C ASN B 34 21.88 13.97 -6.36
N GLN B 35 21.17 13.31 -5.45
CA GLN B 35 21.11 11.86 -5.47
C GLN B 35 19.69 11.31 -5.64
N ARG B 36 18.69 12.16 -5.88
CA ARG B 36 17.36 11.61 -5.89
C ARG B 36 17.02 10.91 -7.21
N HIS B 37 17.92 10.86 -8.19
CA HIS B 37 17.72 9.90 -9.27
C HIS B 37 17.74 8.46 -8.76
N LEU B 38 18.15 8.24 -7.51
CA LEU B 38 18.10 6.94 -6.84
C LEU B 38 16.81 6.74 -6.04
N PHE B 39 15.77 7.56 -6.28
CA PHE B 39 14.54 7.46 -5.51
C PHE B 39 13.87 6.10 -5.60
N ASP B 40 14.16 5.33 -6.65
CA ASP B 40 13.53 4.02 -6.78
C ASP B 40 14.35 2.92 -6.13
N THR B 41 15.24 3.27 -5.21
CA THR B 41 15.99 2.29 -4.44
C THR B 41 15.65 2.46 -2.96
N LEU B 42 15.59 1.34 -2.22
CA LEU B 42 15.29 1.48 -0.80
C LEU B 42 16.43 2.17 -0.04
N ASP B 43 17.69 1.98 -0.47
CA ASP B 43 18.82 2.60 0.24
C ASP B 43 18.72 4.12 0.26
N TYR B 44 18.24 4.73 -0.83
CA TYR B 44 18.01 6.17 -0.81
C TYR B 44 17.11 6.56 0.35
N TRP B 45 15.98 5.86 0.53
CA TRP B 45 15.00 6.26 1.54
C TRP B 45 15.47 5.92 2.95
N ARG B 46 16.14 4.77 3.11
CA ARG B 46 16.77 4.45 4.40
C ARG B 46 17.73 5.55 4.84
N ASN B 47 18.55 6.04 3.92
CA ASN B 47 19.49 7.11 4.23
C ASN B 47 18.75 8.38 4.64
N ILE B 48 17.73 8.77 3.88
CA ILE B 48 17.02 9.99 4.24
C ILE B 48 16.38 9.86 5.61
N ALA B 49 15.75 8.72 5.88
CA ALA B 49 15.02 8.54 7.14
C ALA B 49 15.98 8.52 8.31
N GLN B 50 17.15 7.90 8.14
CA GLN B 50 18.13 7.87 9.22
C GLN B 50 18.69 9.25 9.50
N ILE B 51 18.96 10.03 8.46
CA ILE B 51 19.40 11.41 8.65
C ILE B 51 18.36 12.19 9.46
N CYS B 52 17.08 12.08 9.08
CA CYS B 52 16.03 12.83 9.78
C CYS B 52 15.83 12.33 11.21
N GLU B 53 15.82 11.01 11.40
CA GLU B 53 15.59 10.48 12.73
C GLU B 53 16.75 10.79 13.67
N ASP B 54 17.99 10.63 13.19
CA ASP B 54 19.14 10.97 14.04
C ASP B 54 19.10 12.43 14.48
N ALA B 55 18.53 13.29 13.65
CA ALA B 55 18.45 14.71 13.96
C ALA B 55 17.26 15.06 14.83
N GLY B 56 16.33 14.14 15.04
CA GLY B 56 15.14 14.44 15.80
C GLY B 56 14.08 15.21 15.04
N LEU B 57 14.09 15.17 13.70
CA LEU B 57 13.01 15.82 12.97
C LEU B 57 11.69 15.11 13.25
N ASP B 58 10.60 15.88 13.25
CA ASP B 58 9.31 15.31 13.64
C ASP B 58 8.81 14.29 12.64
N PHE B 59 9.01 14.53 11.35
CA PHE B 59 8.51 13.59 10.35
C PHE B 59 9.19 13.80 9.02
N VAL B 60 9.08 12.79 8.16
N VAL B 60 9.08 12.79 8.17
CA VAL B 60 9.29 12.91 6.72
CA VAL B 60 9.30 12.93 6.74
C VAL B 60 7.94 12.86 6.05
C VAL B 60 7.93 12.88 6.07
N PHE B 61 7.75 13.73 5.05
CA PHE B 61 6.48 13.92 4.37
C PHE B 61 6.67 13.56 2.92
N LEU B 62 5.82 12.68 2.39
CA LEU B 62 5.86 12.28 0.99
C LEU B 62 4.71 12.91 0.22
N ALA B 63 5.04 13.75 -0.77
CA ALA B 63 4.02 14.28 -1.66
C ALA B 63 3.57 13.19 -2.62
N ASP B 64 2.57 13.46 -3.46
CA ASP B 64 2.19 12.47 -4.46
C ASP B 64 1.60 13.17 -5.66
N ALA B 65 1.67 12.50 -6.82
CA ALA B 65 0.93 12.94 -8.00
C ALA B 65 0.46 11.69 -8.69
N TRP B 66 -0.66 11.78 -9.39
CA TRP B 66 -1.11 10.66 -10.21
C TRP B 66 -1.01 10.91 -11.69
N GLY B 67 -1.08 12.16 -12.13
CA GLY B 67 -1.06 12.49 -13.54
C GLY B 67 0.34 12.81 -14.04
N TRP B 68 0.38 13.52 -15.17
CA TRP B 68 1.64 13.81 -15.85
C TRP B 68 1.49 15.13 -16.60
N ALA B 69 2.58 15.59 -17.21
CA ALA B 69 2.65 16.89 -17.87
C ALA B 69 2.12 16.75 -19.30
N ASP B 70 0.81 16.85 -19.45
CA ASP B 70 0.18 16.89 -20.76
C ASP B 70 0.10 18.34 -21.22
N VAL B 71 0.67 18.63 -22.39
CA VAL B 71 0.61 19.94 -23.01
C VAL B 71 -0.25 19.82 -24.26
N ASN B 72 -1.38 20.52 -24.28
CA ASN B 72 -2.30 20.53 -25.42
C ASN B 72 -2.59 19.13 -25.94
N GLY B 73 -2.52 18.12 -25.07
CA GLY B 73 -2.93 16.77 -25.39
C GLY B 73 -1.80 15.76 -25.37
N GLU B 74 -0.56 16.19 -25.56
CA GLU B 74 0.56 15.25 -25.56
C GLU B 74 1.64 15.71 -24.58
N ARG B 75 2.48 14.76 -24.23
CA ARG B 75 3.53 14.95 -23.25
C ARG B 75 4.83 15.21 -24.00
N PRO B 76 5.41 16.41 -23.91
CA PRO B 76 6.57 16.73 -24.75
C PRO B 76 7.82 15.96 -24.32
N ASP B 77 8.71 15.75 -25.29
CA ASP B 77 9.87 14.88 -25.07
C ASP B 77 10.75 15.36 -23.92
N ILE B 78 10.76 16.67 -23.65
CA ILE B 78 11.62 17.21 -22.60
C ILE B 78 11.27 16.60 -21.25
N CYS B 79 10.02 16.15 -21.07
CA CYS B 79 9.62 15.56 -19.80
C CYS B 79 10.42 14.30 -19.48
N ASP B 80 10.76 13.52 -20.50
CA ASP B 80 11.59 12.34 -20.29
C ASP B 80 13.08 12.69 -20.27
N VAL B 81 13.51 13.61 -21.13
CA VAL B 81 14.91 14.02 -21.13
C VAL B 81 15.30 14.57 -19.77
N GLU B 82 14.39 15.27 -19.09
CA GLU B 82 14.68 15.87 -17.79
C GLU B 82 14.00 15.17 -16.63
N GLY B 83 13.29 14.07 -16.86
CA GLY B 83 12.65 13.40 -15.72
C GLY B 83 11.77 14.35 -14.93
N LEU B 84 11.05 15.21 -15.63
CA LEU B 84 10.29 16.28 -15.01
C LEU B 84 9.20 15.74 -14.10
N ASP B 85 8.38 14.82 -14.62
CA ASP B 85 7.13 14.44 -13.98
C ASP B 85 7.05 12.97 -13.63
N LEU B 86 7.74 12.12 -14.36
CA LEU B 86 7.67 10.66 -14.25
C LEU B 86 9.07 10.10 -14.38
N PRO B 87 9.29 8.87 -13.90
CA PRO B 87 8.38 7.97 -13.20
C PRO B 87 8.35 8.24 -11.70
N ARG B 88 7.52 7.53 -10.95
CA ARG B 88 7.44 7.74 -9.52
C ARG B 88 7.10 6.42 -8.84
N LEU B 89 7.19 6.40 -7.51
CA LEU B 89 6.73 5.29 -6.69
C LEU B 89 5.49 5.68 -5.89
N ASP B 90 4.81 4.66 -5.38
CA ASP B 90 3.66 4.87 -4.52
C ASP B 90 4.10 5.24 -3.10
N PRO B 91 3.62 6.36 -2.54
CA PRO B 91 4.07 6.78 -1.19
C PRO B 91 3.76 5.80 -0.08
N ALA B 92 2.61 5.12 -0.14
CA ALA B 92 2.25 4.22 0.95
C ALA B 92 3.25 3.08 1.05
N ILE B 93 3.77 2.63 -0.09
CA ILE B 93 4.76 1.55 -0.10
C ILE B 93 6.08 2.04 0.46
N VAL B 94 6.52 3.21 0.01
CA VAL B 94 7.72 3.83 0.61
C VAL B 94 7.55 4.00 2.11
N ALA B 95 6.40 4.54 2.54
CA ALA B 95 6.18 4.75 3.97
C ALA B 95 6.25 3.44 4.75
N ALA B 96 5.63 2.38 4.21
CA ALA B 96 5.60 1.11 4.92
C ALA B 96 7.00 0.53 5.08
N ALA B 97 7.83 0.65 4.03
CA ALA B 97 9.22 0.21 4.10
C ALA B 97 9.99 1.01 5.13
N LEU B 98 9.70 2.31 5.24
CA LEU B 98 10.42 3.13 6.20
C LEU B 98 9.99 2.86 7.64
N ILE B 99 8.80 2.31 7.86
CA ILE B 99 8.39 1.87 9.20
C ILE B 99 9.42 0.93 9.77
N ALA B 100 9.86 -0.03 8.96
CA ALA B 100 10.71 -1.10 9.44
C ALA B 100 12.11 -0.63 9.77
N SER B 101 12.49 0.55 9.27
N SER B 101 12.55 0.54 9.29
CA SER B 101 13.83 1.11 9.42
CA SER B 101 13.90 0.99 9.59
C SER B 101 13.91 2.18 10.51
C SER B 101 13.93 2.19 10.53
N THR B 102 12.79 2.56 11.11
CA THR B 102 12.74 3.66 12.06
C THR B 102 11.93 3.25 13.28
N THR B 103 12.08 4.02 14.36
CA THR B 103 11.33 3.73 15.58
C THR B 103 10.51 4.92 16.03
N LYS B 104 10.98 6.15 15.80
CA LYS B 104 10.28 7.32 16.31
C LYS B 104 9.85 8.29 15.24
N LEU B 105 10.56 8.36 14.13
CA LEU B 105 10.26 9.33 13.08
C LEU B 105 8.83 9.20 12.60
N GLY B 106 8.15 10.34 12.43
CA GLY B 106 6.83 10.33 11.81
C GLY B 106 6.92 10.17 10.30
N LEU B 107 5.88 9.55 9.72
CA LEU B 107 5.80 9.29 8.29
C LEU B 107 4.45 9.80 7.79
N VAL B 108 4.48 10.83 6.95
CA VAL B 108 3.26 11.43 6.43
C VAL B 108 3.23 11.17 4.93
N MET B 109 2.11 10.65 4.45
CA MET B 109 1.99 10.37 3.02
C MET B 109 0.80 11.09 2.44
N THR B 110 0.99 11.60 1.23
CA THR B 110 -0.10 12.19 0.48
C THR B 110 -0.99 11.09 -0.08
N GLY B 111 -2.31 11.29 0.03
CA GLY B 111 -3.29 10.36 -0.50
C GLY B 111 -4.47 11.11 -1.08
N SER B 112 -4.93 10.69 -2.26
CA SER B 112 -5.95 11.43 -3.01
C SER B 112 -7.37 10.97 -2.69
N THR B 113 -8.24 11.93 -2.34
CA THR B 113 -9.65 11.57 -2.17
C THR B 113 -10.36 11.42 -3.50
N LEU B 114 -9.74 11.86 -4.59
CA LEU B 114 -10.34 11.71 -5.90
C LEU B 114 -10.20 10.29 -6.44
N LEU B 115 -9.12 9.60 -6.10
CA LEU B 115 -8.77 8.37 -6.80
C LEU B 115 -8.66 7.15 -5.89
N GLU B 116 -8.56 7.32 -4.59
CA GLU B 116 -8.59 6.20 -3.67
C GLU B 116 -10.03 5.77 -3.41
N GLN B 117 -10.22 4.49 -3.18
CA GLN B 117 -11.48 3.98 -2.66
C GLN B 117 -11.43 4.06 -1.15
N PRO B 118 -12.38 4.73 -0.49
CA PRO B 118 -12.22 4.96 0.95
C PRO B 118 -12.13 3.69 1.78
N TYR B 119 -12.85 2.62 1.43
CA TYR B 119 -12.82 1.42 2.25
C TYR B 119 -11.43 0.78 2.23
N SER B 120 -10.86 0.61 1.04
N SER B 120 -10.84 0.64 1.04
CA SER B 120 -9.50 0.08 0.93
CA SER B 120 -9.49 0.07 0.97
C SER B 120 -8.48 1.04 1.52
C SER B 120 -8.45 1.05 1.51
N PHE B 121 -8.63 2.35 1.26
CA PHE B 121 -7.70 3.32 1.81
C PHE B 121 -7.72 3.31 3.34
N ALA B 122 -8.90 3.17 3.94
CA ALA B 122 -8.99 3.17 5.39
C ALA B 122 -8.23 1.98 5.97
N ARG B 123 -8.38 0.80 5.36
CA ARG B 123 -7.64 -0.37 5.82
C ARG B 123 -6.14 -0.18 5.66
N ARG B 124 -5.72 0.46 4.56
CA ARG B 124 -4.29 0.66 4.28
C ARG B 124 -3.66 1.60 5.30
N MET B 125 -4.32 2.71 5.59
CA MET B 125 -3.77 3.68 6.53
C MET B 125 -3.77 3.15 7.95
N ALA B 126 -4.84 2.43 8.32
CA ALA B 126 -4.87 1.86 9.65
C ALA B 126 -3.81 0.77 9.81
N SER B 127 -3.51 0.03 8.72
CA SER B 127 -2.43 -0.95 8.79
C SER B 127 -1.09 -0.28 9.05
N LEU B 128 -0.79 0.80 8.32
CA LEU B 128 0.41 1.59 8.59
C LEU B 128 0.43 2.10 10.04
N ASP B 129 -0.72 2.54 10.54
CA ASP B 129 -0.75 3.08 11.89
C ASP B 129 -0.54 1.99 12.93
N HIS B 130 -1.14 0.81 12.74
CA HIS B 130 -0.86 -0.32 13.61
C HIS B 130 0.63 -0.68 13.60
N LEU B 131 1.20 -0.91 12.42
CA LEU B 131 2.57 -1.43 12.38
C LEU B 131 3.59 -0.41 12.85
N SER B 132 3.34 0.89 12.64
CA SER B 132 4.25 1.93 13.09
C SER B 132 4.03 2.37 14.54
N LYS B 133 3.03 1.80 15.23
CA LYS B 133 2.69 2.23 16.58
C LYS B 133 2.33 3.72 16.63
N GLY B 134 1.54 4.18 15.65
CA GLY B 134 0.98 5.51 15.71
C GLY B 134 1.90 6.62 15.24
N ARG B 135 2.64 6.39 14.17
CA ARG B 135 3.55 7.40 13.63
C ARG B 135 3.11 7.93 12.27
N ILE B 136 1.87 7.68 11.87
CA ILE B 136 1.43 7.89 10.49
C ILE B 136 0.65 9.19 10.37
N GLY B 137 0.89 9.91 9.29
CA GLY B 137 0.04 11.03 8.91
C GLY B 137 -0.41 10.85 7.47
N TRP B 138 -1.53 11.52 7.16
CA TRP B 138 -2.11 11.50 5.82
C TRP B 138 -2.28 12.94 5.38
N ASN B 139 -1.61 13.31 4.29
CA ASN B 139 -1.83 14.62 3.68
C ASN B 139 -2.99 14.48 2.70
N VAL B 140 -4.13 15.07 3.06
CA VAL B 140 -5.36 14.96 2.28
C VAL B 140 -5.25 15.90 1.08
N VAL B 141 -5.30 15.34 -0.12
CA VAL B 141 -5.32 16.17 -1.31
C VAL B 141 -6.48 15.75 -2.19
N THR B 142 -6.90 16.68 -3.05
CA THR B 142 -7.91 16.39 -4.05
C THR B 142 -7.30 16.21 -5.44
N THR B 143 -5.96 16.10 -5.51
CA THR B 143 -5.18 15.80 -6.72
C THR B 143 -5.08 16.99 -7.67
N GLY B 144 -3.86 17.51 -7.82
CA GLY B 144 -3.63 18.66 -8.71
C GLY B 144 -3.42 18.31 -10.16
N THR B 145 -3.29 17.02 -10.45
CA THR B 145 -3.11 16.49 -11.80
C THR B 145 -4.39 15.81 -12.27
N ALA B 146 -5.55 16.37 -11.90
CA ALA B 146 -6.80 15.61 -11.94
C ALA B 146 -7.21 15.19 -13.36
N GLU B 147 -6.85 15.97 -14.39
CA GLU B 147 -7.37 15.66 -15.72
C GLU B 147 -6.71 14.42 -16.31
N THR B 148 -5.37 14.43 -16.39
CA THR B 148 -4.67 13.22 -16.84
C THR B 148 -4.93 12.05 -15.91
N ALA B 149 -4.95 12.30 -14.59
CA ALA B 149 -5.12 11.18 -13.66
C ALA B 149 -6.47 10.50 -13.87
N SER B 150 -7.52 11.29 -14.12
CA SER B 150 -8.83 10.71 -14.40
C SER B 150 -8.78 9.83 -15.65
N ALA B 151 -8.09 10.29 -16.70
CA ALA B 151 -7.93 9.49 -17.91
C ALA B 151 -7.24 8.17 -17.63
N ALA B 152 -6.19 8.20 -16.81
CA ALA B 152 -5.46 6.99 -16.49
C ALA B 152 -6.32 5.98 -15.73
N PHE B 153 -7.24 6.46 -14.89
CA PHE B 153 -8.15 5.59 -14.15
C PHE B 153 -9.42 5.24 -14.92
N GLY B 154 -9.67 5.87 -16.07
CA GLY B 154 -10.86 5.56 -16.84
C GLY B 154 -12.15 6.09 -16.26
N VAL B 155 -12.11 7.24 -15.59
CA VAL B 155 -13.30 7.78 -14.94
C VAL B 155 -13.49 9.22 -15.37
N PRO B 156 -14.72 9.75 -15.37
CA PRO B 156 -14.90 11.14 -15.76
C PRO B 156 -14.20 12.10 -14.82
N MET B 157 -13.84 13.26 -15.35
CA MET B 157 -13.21 14.31 -14.57
C MET B 157 -14.21 14.91 -13.58
N VAL B 158 -13.71 15.34 -12.43
CA VAL B 158 -14.53 15.99 -11.41
C VAL B 158 -13.98 17.41 -11.21
N ALA B 159 -14.87 18.40 -11.28
CA ALA B 159 -14.48 19.80 -11.18
C ALA B 159 -13.86 20.12 -9.81
N HIS B 160 -13.11 21.23 -9.77
CA HIS B 160 -12.29 21.56 -8.61
C HIS B 160 -13.09 21.56 -7.31
N ASP B 161 -14.15 22.37 -7.25
CA ASP B 161 -14.87 22.48 -5.98
C ASP B 161 -15.63 21.20 -5.66
N ASP B 162 -16.10 20.49 -6.69
CA ASP B 162 -16.77 19.22 -6.42
C ASP B 162 -15.81 18.22 -5.81
N ARG B 163 -14.52 18.29 -6.16
CA ARG B 163 -13.57 17.37 -5.56
C ARG B 163 -13.45 17.61 -4.06
N TYR B 164 -13.62 18.86 -3.61
CA TYR B 164 -13.63 19.11 -2.18
C TYR B 164 -14.93 18.64 -1.54
N ASP B 165 -16.06 18.76 -2.25
CA ASP B 165 -17.29 18.15 -1.75
C ASP B 165 -17.15 16.64 -1.67
N MET B 166 -16.54 16.03 -2.69
CA MET B 166 -16.29 14.60 -2.67
C MET B 166 -15.35 14.26 -1.53
N ALA B 167 -14.37 15.12 -1.27
CA ALA B 167 -13.45 14.89 -0.17
C ALA B 167 -14.18 14.95 1.18
N ASP B 168 -15.11 15.90 1.34
CA ASP B 168 -15.97 15.91 2.53
C ASP B 168 -16.65 14.56 2.73
N ASP B 169 -17.22 14.01 1.66
CA ASP B 169 -17.90 12.73 1.76
C ASP B 169 -16.90 11.61 2.05
N PHE B 170 -15.74 11.62 1.39
CA PHE B 170 -14.65 10.69 1.68
C PHE B 170 -14.29 10.70 3.17
N MET B 171 -14.10 11.90 3.74
CA MET B 171 -13.72 12.01 5.14
C MET B 171 -14.76 11.40 6.06
N GLU B 172 -16.05 11.68 5.83
CA GLU B 172 -17.07 11.14 6.71
C GLU B 172 -17.04 9.62 6.74
N LEU B 173 -16.79 8.99 5.59
CA LEU B 173 -16.74 7.53 5.56
C LEU B 173 -15.50 6.99 6.27
N VAL B 174 -14.32 7.56 6.01
CA VAL B 174 -13.14 7.04 6.70
C VAL B 174 -13.21 7.35 8.19
N TYR B 175 -13.84 8.47 8.59
CA TYR B 175 -14.07 8.69 10.03
C TYR B 175 -14.88 7.54 10.62
N LYS B 176 -15.92 7.09 9.91
CA LYS B 176 -16.73 5.99 10.42
C LYS B 176 -15.91 4.72 10.54
N LEU B 177 -15.08 4.44 9.55
CA LEU B 177 -14.26 3.23 9.54
C LEU B 177 -13.20 3.28 10.63
N TRP B 178 -12.60 4.45 10.82
CA TRP B 178 -11.49 4.58 11.77
C TRP B 178 -11.97 4.78 13.20
N GLU B 179 -13.06 5.53 13.41
CA GLU B 179 -13.50 5.89 14.75
C GLU B 179 -14.75 5.16 15.21
N GLY B 180 -15.63 4.77 14.29
CA GLY B 180 -16.91 4.23 14.69
C GLY B 180 -17.05 2.73 14.55
N ALA B 181 -16.16 2.10 13.78
CA ALA B 181 -16.34 0.69 13.43
C ALA B 181 -15.89 -0.23 14.56
N TRP B 182 -14.76 0.07 15.19
CA TRP B 182 -14.23 -0.69 16.32
C TRP B 182 -13.96 0.28 17.46
N GLU B 183 -14.50 -0.01 18.64
CA GLU B 183 -14.19 0.81 19.80
C GLU B 183 -12.75 0.61 20.24
N PRO B 184 -12.12 1.62 20.85
CA PRO B 184 -10.68 1.53 21.13
C PRO B 184 -10.28 0.33 21.98
N ASP B 185 -11.15 -0.17 22.85
CA ASP B 185 -10.83 -1.31 23.70
C ASP B 185 -11.56 -2.59 23.26
N ALA B 186 -11.92 -2.68 21.98
CA ALA B 186 -12.66 -3.84 21.49
C ALA B 186 -11.85 -5.12 21.66
N LEU B 187 -10.57 -5.09 21.33
CA LEU B 187 -9.75 -6.30 21.34
C LEU B 187 -9.31 -6.63 22.76
N GLU B 188 -9.59 -7.85 23.19
CA GLU B 188 -9.18 -8.33 24.50
C GLU B 188 -8.09 -9.39 24.41
N ARG B 189 -8.14 -10.26 23.41
CA ARG B 189 -7.06 -11.21 23.11
C ARG B 189 -6.78 -12.13 24.29
N ASP B 190 -7.83 -12.53 25.02
CA ASP B 190 -7.70 -13.35 26.23
C ASP B 190 -7.95 -14.80 25.86
N LYS B 191 -6.89 -15.61 25.85
CA LYS B 191 -7.04 -17.01 25.45
C LYS B 191 -7.96 -17.78 26.39
N GLN B 192 -8.03 -17.38 27.66
CA GLN B 192 -8.95 -17.97 28.62
C GLN B 192 -10.33 -17.31 28.58
N GLY B 193 -10.52 -16.29 27.76
CA GLY B 193 -11.80 -15.62 27.68
C GLY B 193 -12.22 -15.27 26.27
N ARG B 194 -12.18 -13.98 25.93
CA ARG B 194 -12.67 -13.46 24.66
C ARG B 194 -11.51 -12.93 23.84
N TYR B 195 -11.56 -13.15 22.51
CA TYR B 195 -10.65 -12.41 21.63
C TYR B 195 -11.08 -10.96 21.51
N ALA B 196 -12.39 -10.72 21.37
CA ALA B 196 -12.91 -9.37 21.23
C ALA B 196 -14.30 -9.32 21.84
N ASP B 197 -14.67 -8.14 22.31
CA ASP B 197 -15.99 -7.85 22.85
C ASP B 197 -16.93 -7.55 21.70
N PRO B 198 -17.91 -8.43 21.43
CA PRO B 198 -18.80 -8.19 20.28
C PRO B 198 -19.60 -6.91 20.39
N ALA B 199 -19.92 -6.47 21.61
CA ALA B 199 -20.67 -5.23 21.81
C ALA B 199 -19.88 -3.99 21.40
N LYS B 200 -18.58 -4.11 21.17
CA LYS B 200 -17.74 -2.98 20.79
C LYS B 200 -17.29 -3.05 19.33
N VAL B 201 -17.95 -3.86 18.52
CA VAL B 201 -17.67 -4.00 17.09
C VAL B 201 -18.97 -3.74 16.34
N HIS B 202 -18.94 -2.77 15.43
CA HIS B 202 -20.18 -2.22 14.89
C HIS B 202 -20.19 -2.27 13.37
N ARG B 203 -21.35 -2.59 12.82
CA ARG B 203 -21.61 -2.31 11.42
C ARG B 203 -21.72 -0.81 11.24
N ILE B 204 -21.13 -0.31 10.16
CA ILE B 204 -21.31 1.10 9.81
C ILE B 204 -22.22 1.17 8.60
N ASP B 205 -22.79 2.35 8.39
CA ASP B 205 -23.75 2.58 7.33
C ASP B 205 -23.49 3.97 6.76
N HIS B 206 -23.19 4.03 5.47
CA HIS B 206 -22.86 5.31 4.86
C HIS B 206 -23.48 5.40 3.47
N GLU B 207 -24.18 6.50 3.21
CA GLU B 207 -24.82 6.76 1.91
C GLU B 207 -24.64 8.26 1.64
N GLY B 208 -23.52 8.60 1.00
CA GLY B 208 -23.23 9.96 0.66
C GLY B 208 -23.45 10.22 -0.82
N PRO B 209 -23.19 11.46 -1.25
CA PRO B 209 -23.35 11.78 -2.68
C PRO B 209 -22.35 11.07 -3.56
N TYR B 210 -21.21 10.66 -3.04
CA TYR B 210 -20.14 10.04 -3.81
C TYR B 210 -19.81 8.63 -3.37
N PHE B 211 -19.99 8.30 -2.10
CA PHE B 211 -19.55 7.01 -1.59
C PHE B 211 -20.66 6.35 -0.80
N ARG B 212 -20.62 5.02 -0.81
CA ARG B 212 -21.60 4.18 -0.13
C ARG B 212 -20.82 3.06 0.55
N SER B 213 -21.23 2.70 1.77
CA SER B 213 -20.62 1.58 2.46
C SER B 213 -21.58 1.02 3.48
N ASN B 214 -21.64 -0.30 3.57
CA ASN B 214 -22.46 -0.99 4.57
C ASN B 214 -21.72 -2.22 5.04
N GLY B 215 -21.44 -2.27 6.33
CA GLY B 215 -20.88 -3.46 6.92
C GLY B 215 -19.84 -3.12 7.94
N TYR B 216 -18.99 -4.10 8.21
CA TYR B 216 -17.91 -3.97 9.17
C TYR B 216 -16.67 -3.37 8.51
N GLY B 217 -15.81 -2.78 9.34
CA GLY B 217 -14.51 -2.34 8.88
C GLY B 217 -13.46 -3.43 9.08
N ASN B 218 -12.46 -3.46 8.20
CA ASN B 218 -11.47 -4.52 8.24
C ASN B 218 -10.50 -4.38 9.41
N THR B 219 -10.14 -3.16 9.78
CA THR B 219 -9.09 -2.94 10.78
C THR B 219 -9.68 -2.50 12.11
N SER B 220 -9.07 -2.98 13.19
CA SER B 220 -9.50 -2.55 14.52
C SER B 220 -8.91 -1.17 14.82
N TYR B 221 -9.36 -0.60 15.94
CA TYR B 221 -8.96 0.75 16.30
C TYR B 221 -7.43 0.86 16.41
N SER B 222 -6.85 1.77 15.65
CA SER B 222 -5.40 1.89 15.53
C SER B 222 -4.86 2.80 16.62
N PRO B 223 -3.53 2.79 16.86
CA PRO B 223 -2.98 3.59 17.97
C PRO B 223 -3.41 5.06 17.99
N GLN B 224 -3.51 5.71 16.84
CA GLN B 224 -4.00 7.10 16.77
C GLN B 224 -5.46 7.19 16.39
N GLY B 225 -6.09 6.07 16.03
CA GLY B 225 -7.45 6.06 15.52
C GLY B 225 -7.52 6.52 14.08
N THR B 226 -7.31 7.82 13.90
CA THR B 226 -7.22 8.44 12.60
C THR B 226 -5.79 8.95 12.43
N PRO B 227 -5.15 8.74 11.28
CA PRO B 227 -3.81 9.30 11.09
C PRO B 227 -3.84 10.81 11.22
N VAL B 228 -2.68 11.39 11.58
CA VAL B 228 -2.63 12.85 11.70
C VAL B 228 -3.03 13.44 10.36
N LEU B 229 -4.02 14.34 10.36
CA LEU B 229 -4.57 14.85 9.11
C LEU B 229 -3.81 16.11 8.72
N PHE B 230 -2.92 15.97 7.75
CA PHE B 230 -2.36 17.11 7.07
C PHE B 230 -3.28 17.50 5.96
N GLN B 231 -3.21 18.76 5.58
CA GLN B 231 -4.01 19.22 4.48
C GLN B 231 -3.24 20.29 3.73
N ALA B 232 -3.20 20.12 2.43
CA ALA B 232 -2.46 20.99 1.55
C ALA B 232 -3.39 21.34 0.41
N GLY B 233 -3.70 22.62 0.26
CA GLY B 233 -4.63 23.04 -0.76
C GLY B 233 -5.11 24.39 -0.27
N SER B 234 -4.53 25.47 -0.77
N SER B 234 -4.53 25.46 -0.80
CA SER B 234 -4.78 26.78 -0.19
CA SER B 234 -4.70 26.79 -0.25
C SER B 234 -5.71 27.64 -1.05
C SER B 234 -5.70 27.64 -1.04
N SER B 235 -6.45 27.03 -1.96
CA SER B 235 -7.54 27.76 -2.62
C SER B 235 -8.62 28.08 -1.58
N GLU B 236 -9.52 29.00 -1.94
CA GLU B 236 -10.58 29.36 -1.00
C GLU B 236 -11.35 28.14 -0.55
N ARG B 237 -11.75 27.28 -1.50
CA ARG B 237 -12.48 26.06 -1.11
C ARG B 237 -11.57 25.12 -0.33
N GLY B 238 -10.29 25.07 -0.67
CA GLY B 238 -9.37 24.24 0.07
C GLY B 238 -9.13 24.75 1.48
N ARG B 239 -9.13 26.07 1.66
CA ARG B 239 -8.96 26.61 3.00
C ARG B 239 -10.16 26.28 3.88
N GLN B 240 -11.37 26.33 3.32
CA GLN B 240 -12.54 25.87 4.06
C GLN B 240 -12.41 24.41 4.43
N PHE B 241 -11.95 23.57 3.49
CA PHE B 241 -11.81 22.14 3.77
C PHE B 241 -10.79 21.91 4.86
N GLY B 242 -9.63 22.57 4.78
CA GLY B 242 -8.62 22.41 5.81
C GLY B 242 -9.06 22.95 7.16
N GLY B 243 -9.77 24.08 7.15
CA GLY B 243 -10.29 24.60 8.39
C GLY B 243 -11.25 23.67 9.08
N ARG B 244 -11.93 22.81 8.31
CA ARG B 244 -12.85 21.84 8.90
C ARG B 244 -12.15 20.56 9.36
N HIS B 245 -11.29 20.00 8.49
CA HIS B 245 -10.72 18.66 8.70
C HIS B 245 -9.24 18.66 9.06
N GLY B 246 -8.47 19.64 8.61
CA GLY B 246 -7.03 19.56 8.75
C GLY B 246 -6.57 19.81 10.18
N GLU B 247 -5.62 18.99 10.64
CA GLU B 247 -4.94 19.25 11.91
C GLU B 247 -3.65 20.03 11.71
N CYS B 248 -2.93 19.72 10.64
N CYS B 248 -2.92 19.70 10.66
CA CYS B 248 -1.72 20.45 10.27
CA CYS B 248 -1.76 20.49 10.27
C CYS B 248 -1.89 20.92 8.84
C CYS B 248 -1.94 20.94 8.85
N ILE B 249 -1.85 22.24 8.63
CA ILE B 249 -2.05 22.82 7.31
C ILE B 249 -0.69 23.19 6.74
N PHE B 250 -0.39 22.64 5.58
CA PHE B 250 0.83 22.88 4.85
C PHE B 250 0.58 24.07 3.94
N LEU B 251 1.33 25.16 4.13
CA LEU B 251 1.22 26.35 3.30
C LEU B 251 2.50 26.56 2.49
N GLY B 252 2.34 26.99 1.23
CA GLY B 252 3.47 27.45 0.47
C GLY B 252 4.03 28.76 1.02
N GLY B 253 5.28 29.06 0.64
CA GLY B 253 5.91 30.27 1.11
C GLY B 253 5.29 31.53 0.50
N ALA B 254 5.54 32.65 1.14
CA ALA B 254 5.04 33.95 0.68
C ALA B 254 5.66 35.03 1.57
N PRO B 255 5.66 36.28 1.12
CA PRO B 255 6.10 37.37 2.00
C PRO B 255 5.37 37.32 3.33
N ILE B 256 6.08 37.67 4.41
CA ILE B 256 5.50 37.59 5.75
C ILE B 256 4.13 38.24 5.85
N PRO B 257 3.88 39.45 5.33
CA PRO B 257 2.53 40.03 5.46
C PRO B 257 1.45 39.19 4.81
N LYS B 258 1.76 38.54 3.68
CA LYS B 258 0.75 37.72 3.00
C LYS B 258 0.55 36.41 3.74
N LEU B 259 1.64 35.83 4.22
CA LEU B 259 1.56 34.60 4.98
C LEU B 259 0.82 34.82 6.29
N ALA B 260 1.04 35.98 6.94
CA ALA B 260 0.35 36.24 8.19
C ALA B 260 -1.16 36.29 7.98
N GLU B 261 -1.59 36.94 6.89
CA GLU B 261 -3.01 37.04 6.57
C GLU B 261 -3.61 35.66 6.25
N GLN B 262 -2.86 34.82 5.54
CA GLN B 262 -3.35 33.47 5.27
C GLN B 262 -3.52 32.68 6.55
N VAL B 263 -2.51 32.73 7.44
CA VAL B 263 -2.62 32.04 8.72
C VAL B 263 -3.82 32.56 9.51
N ARG B 264 -3.98 33.90 9.55
CA ARG B 264 -5.11 34.48 10.24
C ARG B 264 -6.43 33.96 9.66
N ALA B 265 -6.53 33.91 8.33
CA ALA B 265 -7.78 33.49 7.70
C ALA B 265 -8.06 32.02 7.98
N ILE B 266 -7.02 31.19 7.99
CA ILE B 266 -7.24 29.77 8.24
C ILE B 266 -7.62 29.52 9.69
N ARG B 267 -6.99 30.24 10.64
CA ARG B 267 -7.41 30.09 12.03
C ARG B 267 -8.85 30.52 12.22
N ALA B 268 -9.26 31.60 11.53
CA ALA B 268 -10.66 32.04 11.63
C ALA B 268 -11.63 31.04 11.01
N GLU B 269 -11.21 30.30 9.97
CA GLU B 269 -12.05 29.24 9.43
C GLU B 269 -12.25 28.14 10.45
N ALA B 270 -11.17 27.76 11.14
CA ALA B 270 -11.27 26.73 12.17
C ALA B 270 -12.21 27.15 13.28
N VAL B 271 -12.10 28.41 13.71
CA VAL B 271 -13.03 28.93 14.71
C VAL B 271 -14.47 28.87 14.20
N ALA B 272 -14.69 29.24 12.94
CA ALA B 272 -16.05 29.17 12.42
C ALA B 272 -16.56 27.74 12.33
N GLU B 273 -15.66 26.76 12.32
CA GLU B 273 -16.02 25.35 12.33
C GLU B 273 -16.11 24.77 13.73
N GLY B 274 -16.02 25.59 14.78
CA GLY B 274 -16.14 25.09 16.14
C GLY B 274 -14.85 24.57 16.75
N ARG B 275 -13.71 24.86 16.15
CA ARG B 275 -12.43 24.37 16.66
C ARG B 275 -11.68 25.52 17.31
N ALA B 276 -10.85 25.19 18.30
CA ALA B 276 -9.99 26.20 18.90
C ALA B 276 -9.01 26.73 17.86
N ALA B 277 -8.77 28.05 17.91
CA ALA B 277 -7.88 28.69 16.92
C ALA B 277 -6.47 28.12 16.98
N ASP B 278 -6.02 27.71 18.16
CA ASP B 278 -4.71 27.13 18.34
C ASP B 278 -4.67 25.61 18.14
N SER B 279 -5.82 24.97 17.93
CA SER B 279 -5.89 23.52 17.76
C SER B 279 -5.60 23.08 16.33
N ILE B 280 -5.31 24.03 15.46
CA ILE B 280 -4.91 23.76 14.09
C ILE B 280 -3.50 24.31 13.95
N LYS B 281 -2.61 23.53 13.36
CA LYS B 281 -1.21 23.91 13.25
C LYS B 281 -0.91 24.33 11.82
N LEU B 282 -0.24 25.47 11.68
CA LEU B 282 0.10 26.02 10.38
C LEU B 282 1.59 25.84 10.16
N MET B 283 1.95 25.15 9.09
CA MET B 283 3.36 24.88 8.79
C MET B 283 3.69 25.34 7.40
N ALA B 284 4.72 26.19 7.27
CA ALA B 284 5.11 26.79 6.00
C ALA B 284 6.21 25.99 5.34
N ALA B 285 6.12 25.86 4.02
CA ALA B 285 7.25 25.32 3.26
C ALA B 285 8.41 26.29 3.37
N PHE B 286 9.62 25.76 3.42
CA PHE B 286 10.78 26.61 3.64
C PHE B 286 11.94 25.97 2.90
N SER B 287 12.50 26.66 1.92
CA SER B 287 13.71 26.19 1.28
C SER B 287 14.86 27.13 1.62
N CYS B 288 16.07 26.57 1.68
CA CYS B 288 17.22 27.38 2.00
C CYS B 288 18.47 26.83 1.34
N VAL B 289 19.43 27.72 1.15
CA VAL B 289 20.75 27.39 0.66
C VAL B 289 21.72 27.99 1.65
N ILE B 290 22.53 27.14 2.30
CA ILE B 290 23.35 27.52 3.44
C ILE B 290 24.80 27.37 3.07
N ALA B 291 25.64 28.33 3.47
CA ALA B 291 27.07 28.23 3.26
C ALA B 291 27.80 29.06 4.31
N PRO B 292 29.12 28.87 4.46
CA PRO B 292 29.84 29.57 5.56
C PRO B 292 29.83 31.08 5.47
N THR B 293 29.73 31.66 4.27
CA THR B 293 29.60 33.11 4.13
C THR B 293 28.42 33.39 3.22
N HIS B 294 27.90 34.63 3.29
CA HIS B 294 26.73 34.96 2.50
C HIS B 294 27.04 34.86 1.01
N GLU B 295 28.18 35.40 0.57
CA GLU B 295 28.57 35.30 -0.84
C GLU B 295 28.70 33.86 -1.29
N GLU B 296 29.23 32.98 -0.44
CA GLU B 296 29.33 31.58 -0.82
C GLU B 296 27.95 30.96 -0.99
N ALA B 297 26.99 31.35 -0.16
CA ALA B 297 25.65 30.80 -0.30
C ALA B 297 24.98 31.31 -1.57
N VAL B 298 25.16 32.59 -1.89
CA VAL B 298 24.62 33.12 -3.14
C VAL B 298 25.20 32.37 -4.34
N GLN B 299 26.51 32.06 -4.28
CA GLN B 299 27.13 31.32 -5.37
C GLN B 299 26.63 29.89 -5.42
N LYS B 300 26.47 29.26 -4.26
CA LYS B 300 25.90 27.92 -4.20
C LYS B 300 24.53 27.87 -4.85
N TYR B 301 23.70 28.90 -4.62
CA TYR B 301 22.38 28.92 -5.24
C TYR B 301 22.50 29.07 -6.75
N GLN B 302 23.41 29.92 -7.24
CA GLN B 302 23.62 30.05 -8.68
C GLN B 302 23.96 28.70 -9.31
N GLU B 303 24.75 27.88 -8.63
CA GLU B 303 25.11 26.56 -9.17
C GLU B 303 23.90 25.64 -9.28
N VAL B 304 22.97 25.74 -8.32
CA VAL B 304 21.71 25.00 -8.42
C VAL B 304 20.93 25.46 -9.65
N LEU B 305 20.77 26.78 -9.80
CA LEU B 305 20.00 27.30 -10.93
C LEU B 305 20.65 26.92 -12.25
N ASP B 306 21.98 26.93 -12.31
CA ASP B 306 22.69 26.60 -13.54
C ASP B 306 22.43 25.17 -13.99
N SER B 307 22.02 24.29 -13.08
CA SER B 307 21.76 22.91 -13.48
C SER B 307 20.38 22.74 -14.13
N GLN B 308 19.48 23.72 -14.00
CA GLN B 308 18.09 23.59 -14.41
C GLN B 308 17.91 24.24 -15.78
N THR B 309 17.42 23.47 -16.75
CA THR B 309 17.15 24.08 -18.05
C THR B 309 15.80 24.80 -18.04
N PRO B 310 15.72 25.97 -18.66
CA PRO B 310 14.43 26.68 -18.69
C PRO B 310 13.38 25.97 -19.53
N GLU B 311 13.81 25.08 -20.43
CA GLU B 311 12.90 24.46 -21.39
C GLU B 311 11.80 23.64 -20.74
N VAL B 312 11.90 23.33 -19.43
CA VAL B 312 10.84 22.57 -18.77
C VAL B 312 9.61 23.42 -18.46
N ALA B 313 9.70 24.75 -18.60
CA ALA B 313 8.71 25.65 -18.00
C ALA B 313 7.28 25.35 -18.44
N VAL B 314 7.07 25.19 -19.75
CA VAL B 314 5.70 25.09 -20.28
C VAL B 314 5.05 23.79 -19.84
N ALA B 315 5.77 22.69 -19.95
CA ALA B 315 5.19 21.40 -19.54
C ALA B 315 4.99 21.36 -18.04
N SER B 316 5.96 21.91 -17.29
CA SER B 316 5.84 22.01 -15.85
C SER B 316 4.57 22.75 -15.44
N TYR B 317 4.31 23.92 -16.05
CA TYR B 317 3.11 24.65 -15.66
C TYR B 317 1.86 23.89 -16.07
N ALA B 318 1.85 23.30 -17.26
CA ALA B 318 0.69 22.54 -17.72
C ALA B 318 0.44 21.33 -16.83
N TRP B 319 1.50 20.77 -16.25
CA TRP B 319 1.36 19.61 -15.36
C TRP B 319 0.40 19.91 -14.21
N PHE B 320 0.47 21.12 -13.63
CA PHE B 320 -0.34 21.48 -12.49
C PHE B 320 -1.63 22.25 -12.82
N THR B 321 -1.71 22.86 -14.01
CA THR B 321 -2.85 23.70 -14.34
C THR B 321 -3.61 23.28 -15.59
N GLY B 322 -3.02 22.46 -16.45
CA GLY B 322 -3.60 22.22 -17.75
C GLY B 322 -3.53 23.40 -18.70
N LEU B 323 -2.93 24.51 -18.28
CA LEU B 323 -2.79 25.70 -19.12
C LEU B 323 -1.46 25.66 -19.87
N ASP B 324 -1.53 25.93 -21.18
CA ASP B 324 -0.35 25.97 -22.04
C ASP B 324 0.06 27.44 -22.18
N LEU B 325 1.07 27.84 -21.42
CA LEU B 325 1.44 29.26 -21.42
C LEU B 325 2.03 29.72 -22.75
N SER B 326 2.56 28.81 -23.57
CA SER B 326 3.20 29.21 -24.82
C SER B 326 2.21 29.55 -25.92
N SER B 327 0.90 29.46 -25.66
CA SER B 327 -0.12 29.70 -26.67
C SER B 327 -0.90 30.99 -26.44
N TYR B 328 -0.56 31.77 -25.42
CA TYR B 328 -1.17 33.09 -25.22
C TYR B 328 -0.15 34.17 -25.55
N ASP B 329 -0.67 35.36 -25.87
CA ASP B 329 0.19 36.53 -25.91
C ASP B 329 0.76 36.76 -24.50
N PRO B 330 2.07 36.94 -24.36
CA PRO B 330 2.65 37.08 -23.02
C PRO B 330 2.11 38.25 -22.21
N SER B 331 1.37 39.19 -22.81
CA SER B 331 0.74 40.26 -22.04
C SER B 331 -0.59 39.85 -21.41
N THR B 332 -1.12 38.66 -21.73
CA THR B 332 -2.38 38.18 -21.19
C THR B 332 -2.33 38.08 -19.66
N PRO B 333 -3.24 38.75 -18.94
CA PRO B 333 -3.20 38.66 -17.47
C PRO B 333 -3.70 37.30 -16.97
N MET B 334 -2.98 36.77 -15.97
CA MET B 334 -3.39 35.51 -15.36
C MET B 334 -4.75 35.60 -14.69
N SER B 335 -5.19 36.82 -14.34
CA SER B 335 -6.52 37.01 -13.76
C SER B 335 -7.64 36.59 -14.72
N GLU B 336 -7.36 36.53 -16.01
CA GLU B 336 -8.36 36.13 -16.99
C GLU B 336 -8.48 34.62 -17.15
N LEU B 337 -7.53 33.86 -16.60
CA LEU B 337 -7.45 32.42 -16.79
C LEU B 337 -8.03 31.68 -15.58
N HIS B 338 -8.52 30.47 -15.84
CA HIS B 338 -9.14 29.62 -14.84
C HIS B 338 -8.61 28.21 -15.01
N THR B 339 -8.60 27.44 -13.92
CA THR B 339 -8.29 26.01 -13.98
C THR B 339 -9.19 25.27 -13.01
N GLU B 340 -9.50 24.01 -13.36
CA GLU B 340 -10.15 23.10 -12.44
C GLU B 340 -9.14 22.23 -11.70
N LEU B 341 -7.85 22.43 -11.95
CA LEU B 341 -6.81 21.62 -11.33
C LEU B 341 -6.25 22.32 -10.09
N SER B 342 -4.98 22.75 -10.13
CA SER B 342 -4.30 23.36 -8.99
C SER B 342 -4.55 24.86 -9.02
N GLN B 343 -5.64 25.28 -8.36
CA GLN B 343 -6.11 26.66 -8.57
C GLN B 343 -5.19 27.68 -7.91
N THR B 344 -4.46 27.31 -6.85
CA THR B 344 -3.52 28.25 -6.25
C THR B 344 -2.41 28.64 -7.23
N GLN B 345 -2.06 27.74 -8.15
CA GLN B 345 -1.00 28.02 -9.12
C GLN B 345 -1.41 29.01 -10.20
N VAL B 346 -2.69 29.34 -10.31
CA VAL B 346 -3.14 30.48 -11.11
C VAL B 346 -3.33 31.70 -10.23
N ALA B 347 -4.00 31.52 -9.08
CA ALA B 347 -4.36 32.66 -8.23
C ALA B 347 -3.14 33.38 -7.68
N ARG B 348 -2.04 32.67 -7.43
CA ARG B 348 -0.82 33.29 -6.90
C ARG B 348 -0.21 34.32 -7.85
N PHE B 349 -0.61 34.32 -9.13
CA PHE B 349 -0.03 35.22 -10.12
C PHE B 349 -1.00 36.32 -10.55
N ALA B 350 -2.06 36.54 -9.79
CA ALA B 350 -2.99 37.62 -10.10
C ALA B 350 -2.26 38.95 -10.11
N GLY B 351 -2.55 39.76 -11.12
CA GLY B 351 -1.82 40.98 -11.39
C GLY B 351 -0.69 40.81 -12.40
N LEU B 352 -0.03 39.66 -12.40
CA LEU B 352 1.03 39.38 -13.35
C LEU B 352 0.44 38.93 -14.68
N THR B 353 1.31 38.80 -15.69
CA THR B 353 0.93 38.36 -17.02
C THR B 353 1.42 36.93 -17.24
N VAL B 354 0.98 36.35 -18.37
CA VAL B 354 1.48 35.03 -18.76
C VAL B 354 2.99 35.07 -18.98
N GLY B 355 3.47 36.13 -19.65
CA GLY B 355 4.90 36.26 -19.88
C GLY B 355 5.69 36.39 -18.58
N ASP B 356 5.11 37.07 -17.59
CA ASP B 356 5.73 37.13 -16.26
C ASP B 356 5.93 35.74 -15.70
N VAL B 357 4.86 34.93 -15.68
CA VAL B 357 4.94 33.59 -15.09
C VAL B 357 5.99 32.75 -15.82
N LEU B 358 5.93 32.75 -17.15
CA LEU B 358 6.82 31.94 -17.97
C LEU B 358 8.29 32.36 -17.87
N ALA B 359 8.57 33.50 -17.25
CA ALA B 359 9.93 34.04 -17.26
C ALA B 359 10.86 33.28 -16.32
N ASP B 360 10.38 32.92 -15.12
CA ASP B 360 11.24 32.18 -14.21
C ASP B 360 10.50 31.03 -13.53
N TRP B 361 9.40 30.54 -14.13
CA TRP B 361 8.69 29.41 -13.54
C TRP B 361 9.63 28.24 -13.29
N HIS B 362 10.51 27.97 -14.27
CA HIS B 362 11.44 26.83 -14.18
C HIS B 362 12.28 26.88 -12.92
N ALA B 363 12.54 28.08 -12.38
CA ALA B 363 13.47 28.23 -11.26
C ALA B 363 12.87 27.73 -9.95
N HIS B 364 11.57 27.94 -9.76
CA HIS B 364 10.94 27.60 -8.49
C HIS B 364 9.75 26.68 -8.61
N GLY B 365 9.09 26.64 -9.77
CA GLY B 365 7.94 25.75 -9.89
C GLY B 365 6.83 26.15 -8.93
N VAL B 366 6.18 25.15 -8.34
CA VAL B 366 5.11 25.44 -7.39
C VAL B 366 5.72 25.88 -6.06
N ARG B 367 7.05 25.87 -5.99
CA ARG B 367 7.75 26.01 -4.73
C ARG B 367 8.03 27.47 -4.44
N THR B 368 8.66 27.67 -3.29
CA THR B 368 8.93 28.95 -2.70
C THR B 368 10.39 29.33 -2.96
N LYS B 369 10.64 30.62 -3.11
CA LYS B 369 12.00 31.09 -3.25
C LYS B 369 12.78 30.77 -1.98
N PRO B 370 14.02 30.28 -2.10
CA PRO B 370 14.79 29.92 -0.91
C PRO B 370 15.30 31.12 -0.14
N VAL B 371 15.57 30.89 1.15
CA VAL B 371 16.36 31.81 1.97
C VAL B 371 17.82 31.40 1.83
N VAL B 372 18.65 32.34 1.39
CA VAL B 372 20.04 32.06 1.00
C VAL B 372 20.94 32.83 1.97
N GLY B 373 21.81 32.12 2.71
CA GLY B 373 22.78 32.86 3.51
C GLY B 373 23.57 31.95 4.44
N THR B 374 24.19 32.57 5.44
CA THR B 374 24.93 31.85 6.48
C THR B 374 23.99 31.07 7.36
N PRO B 375 24.49 30.12 8.15
CA PRO B 375 23.59 29.43 9.08
C PRO B 375 22.85 30.38 9.99
N GLU B 376 23.52 31.38 10.55
CA GLU B 376 22.82 32.31 11.44
C GLU B 376 21.75 33.10 10.69
N GLU B 377 22.07 33.53 9.47
CA GLU B 377 21.10 34.28 8.66
C GLU B 377 19.86 33.45 8.39
N VAL B 378 20.03 32.16 8.13
CA VAL B 378 18.89 31.31 7.81
C VAL B 378 18.08 31.05 9.07
N ALA B 379 18.75 30.81 10.20
CA ALA B 379 18.04 30.63 11.47
C ALA B 379 17.25 31.88 11.84
N ASP B 380 17.84 33.07 11.64
CA ASP B 380 17.13 34.31 11.92
C ASP B 380 15.88 34.42 11.06
N ALA B 381 15.96 33.98 9.81
CA ALA B 381 14.82 34.12 8.90
C ALA B 381 13.68 33.19 9.32
N ILE B 382 14.01 32.00 9.81
CA ILE B 382 13.01 31.08 10.34
C ILE B 382 12.25 31.71 11.51
N VAL B 383 12.99 32.25 12.48
CA VAL B 383 12.35 32.89 13.63
C VAL B 383 11.50 34.08 13.17
N GLU B 384 12.01 34.87 12.22
CA GLU B 384 11.26 36.05 11.76
C GLU B 384 9.94 35.64 11.11
N LEU B 385 9.99 34.57 10.30
CA LEU B 385 8.79 34.07 9.65
C LEU B 385 7.80 33.55 10.67
N ALA B 386 8.27 32.78 11.65
CA ALA B 386 7.38 32.15 12.60
C ALA B 386 6.70 33.19 13.48
N GLU B 387 7.47 34.18 13.95
CA GLU B 387 6.88 35.21 14.78
C GLU B 387 5.98 36.13 13.95
N GLY B 388 6.41 36.47 12.74
CA GLY B 388 5.68 37.42 11.94
C GLY B 388 4.39 36.86 11.35
N ALA B 389 4.37 35.57 11.05
CA ALA B 389 3.19 34.98 10.45
C ALA B 389 2.42 34.06 11.39
N ASP B 390 2.85 33.93 12.66
CA ASP B 390 2.17 33.10 13.66
C ASP B 390 2.14 31.62 13.21
N LEU B 391 3.28 31.12 12.78
CA LEU B 391 3.41 29.76 12.28
C LEU B 391 3.74 28.80 13.43
N ASP B 392 3.40 27.52 13.23
CA ASP B 392 3.68 26.49 14.22
C ASP B 392 4.83 25.58 13.82
N GLY B 393 5.32 25.69 12.59
CA GLY B 393 6.40 24.83 12.14
C GLY B 393 6.67 25.06 10.68
N PHE B 394 7.59 24.24 10.16
CA PHE B 394 8.09 24.35 8.81
C PHE B 394 8.31 22.98 8.22
N LEU B 395 8.03 22.84 6.93
CA LEU B 395 8.50 21.68 6.16
C LEU B 395 9.66 22.15 5.29
N LEU B 396 10.83 21.61 5.55
CA LEU B 396 12.00 21.90 4.74
C LEU B 396 11.79 21.33 3.35
N THR B 397 11.88 22.17 2.32
CA THR B 397 11.76 21.71 0.95
C THR B 397 13.14 21.79 0.31
N PRO B 398 13.85 20.67 0.18
CA PRO B 398 15.24 20.73 -0.29
C PRO B 398 15.34 21.14 -1.74
N VAL B 399 16.47 21.75 -2.12
CA VAL B 399 16.67 21.98 -3.55
C VAL B 399 17.49 20.84 -4.18
N ILE B 400 18.43 20.25 -3.44
CA ILE B 400 19.06 18.99 -3.85
C ILE B 400 19.10 18.08 -2.64
N GLN B 401 19.06 16.76 -2.90
CA GLN B 401 19.10 15.79 -1.80
C GLN B 401 20.31 14.87 -1.94
N PRO B 402 20.89 14.45 -0.80
CA PRO B 402 20.46 14.78 0.56
C PRO B 402 21.06 16.09 1.09
N GLY B 403 21.81 16.79 0.26
CA GLY B 403 22.62 17.91 0.74
C GLY B 403 21.82 18.99 1.45
N SER B 404 20.67 19.39 0.90
CA SER B 404 19.89 20.47 1.52
C SER B 404 19.43 20.07 2.92
N THR B 405 19.05 18.80 3.10
CA THR B 405 18.60 18.32 4.40
C THR B 405 19.78 18.25 5.37
N ILE B 406 20.89 17.66 4.93
CA ILE B 406 22.09 17.59 5.78
C ILE B 406 22.53 18.99 6.20
N ASP B 407 22.52 19.95 5.27
CA ASP B 407 22.98 21.30 5.59
C ASP B 407 22.11 21.93 6.68
N PHE B 408 20.80 21.76 6.57
CA PHE B 408 19.90 22.36 7.54
C PHE B 408 20.09 21.74 8.91
N ILE B 409 20.18 20.42 8.95
CA ILE B 409 20.33 19.68 10.20
C ILE B 409 21.65 20.02 10.87
N GLU B 410 22.74 20.05 10.10
CA GLU B 410 24.06 20.21 10.70
C GLU B 410 24.33 21.65 11.12
N HIS B 411 23.77 22.63 10.40
CA HIS B 411 24.20 24.01 10.59
C HIS B 411 23.13 24.96 11.11
N VAL B 412 21.86 24.77 10.76
CA VAL B 412 20.81 25.71 11.18
C VAL B 412 20.05 25.19 12.39
N LEU B 413 19.64 23.93 12.36
CA LEU B 413 18.91 23.34 13.48
C LEU B 413 19.61 23.53 14.84
N PRO B 414 20.94 23.41 14.96
CA PRO B 414 21.57 23.64 16.28
C PRO B 414 21.38 25.06 16.81
N ILE B 415 21.43 26.07 15.93
CA ILE B 415 21.15 27.45 16.38
C ILE B 415 19.71 27.55 16.86
N LEU B 416 18.77 26.96 16.10
CA LEU B 416 17.37 26.99 16.50
C LEU B 416 17.16 26.29 17.84
N ARG B 417 17.84 25.16 18.06
N ARG B 417 17.84 25.17 18.07
CA ARG B 417 17.72 24.47 19.34
CA ARG B 417 17.68 24.50 19.35
C ARG B 417 18.27 25.32 20.48
C ARG B 417 18.28 25.32 20.49
N GLU B 418 19.41 25.98 20.25
CA GLU B 418 19.99 26.81 21.31
C GLU B 418 19.07 27.96 21.65
N ARG B 419 18.39 28.52 20.65
CA ARG B 419 17.45 29.59 20.91
C ARG B 419 16.12 29.09 21.48
N GLY B 420 15.95 27.79 21.64
CA GLY B 420 14.74 27.26 22.26
C GLY B 420 13.53 27.20 21.36
N VAL B 421 13.70 27.36 20.05
CA VAL B 421 12.55 27.31 19.14
C VAL B 421 12.40 25.96 18.47
N ALA B 422 13.36 25.06 18.67
CA ALA B 422 13.24 23.70 18.19
C ALA B 422 13.55 22.77 19.36
N ALA B 423 12.80 21.68 19.45
CA ALA B 423 13.01 20.69 20.49
C ALA B 423 14.26 19.88 20.19
N SER B 424 14.86 19.34 21.25
CA SER B 424 16.11 18.62 21.09
C SER B 424 15.94 17.14 20.74
N GLY B 425 14.78 16.56 21.00
CA GLY B 425 14.59 15.16 20.73
C GLY B 425 13.13 14.77 20.58
N TYR B 426 12.88 13.46 20.75
CA TYR B 426 11.56 12.84 20.57
C TYR B 426 10.86 12.70 21.92
N ASP B 427 10.05 13.69 22.29
CA ASP B 427 9.33 13.60 23.55
C ASP B 427 8.21 12.55 23.48
N ALA B 428 7.34 12.65 22.49
CA ALA B 428 6.14 11.82 22.48
C ALA B 428 6.25 10.70 21.45
N PRO B 429 5.64 9.57 21.72
CA PRO B 429 5.78 8.42 20.81
C PRO B 429 4.89 8.46 19.58
N THR B 430 3.74 9.17 19.59
CA THR B 430 2.89 9.23 18.41
C THR B 430 3.01 10.58 17.71
N LEU B 431 2.69 10.57 16.42
CA LEU B 431 2.81 11.77 15.62
C LEU B 431 1.83 12.85 16.09
N ARG B 432 0.59 12.46 16.44
CA ARG B 432 -0.38 13.46 16.90
C ARG B 432 0.06 14.11 18.22
N GLU B 433 0.49 13.29 19.19
CA GLU B 433 0.97 13.88 20.44
C GLU B 433 2.11 14.86 20.17
N ARG B 434 3.03 14.47 19.29
CA ARG B 434 4.19 15.29 18.99
C ARG B 434 3.79 16.60 18.30
N LEU B 435 2.88 16.53 17.32
CA LEU B 435 2.58 17.73 16.55
C LEU B 435 1.53 18.60 17.22
N LEU B 436 0.49 17.99 17.78
CA LEU B 436 -0.62 18.75 18.34
C LEU B 436 -0.47 19.07 19.82
N GLY B 437 0.52 18.49 20.50
CA GLY B 437 0.69 18.75 21.92
C GLY B 437 -0.32 18.07 22.83
N THR B 438 -1.29 17.34 22.27
CA THR B 438 -2.15 16.51 23.08
C THR B 438 -1.30 15.54 23.88
N GLU B 439 -1.86 15.05 24.99
CA GLU B 439 -1.30 13.91 25.68
C GLU B 439 -2.09 12.65 25.41
N THR B 440 -3.04 12.72 24.50
CA THR B 440 -3.71 11.57 23.94
C THR B 440 -3.35 11.44 22.46
N PRO B 441 -3.21 10.22 21.95
CA PRO B 441 -2.86 10.06 20.53
C PRO B 441 -4.01 10.25 19.57
N VAL B 442 -5.23 10.50 20.06
CA VAL B 442 -6.42 10.46 19.24
C VAL B 442 -6.94 11.88 18.99
N LEU B 443 -7.80 12.00 17.98
CA LEU B 443 -8.37 13.31 17.60
C LEU B 443 -9.02 14.01 18.79
N ARG B 444 -8.89 15.34 18.81
CA ARG B 444 -9.57 16.16 19.79
C ARG B 444 -11.09 16.05 19.66
N GLU B 445 -11.78 16.32 20.76
CA GLU B 445 -13.24 16.23 20.76
C GLU B 445 -13.90 17.30 19.90
N ASP B 446 -13.21 18.39 19.57
CA ASP B 446 -13.79 19.41 18.71
C ASP B 446 -13.40 19.21 17.25
N HIS B 447 -12.82 18.05 16.90
CA HIS B 447 -12.57 17.67 15.53
C HIS B 447 -13.75 16.86 14.97
N PRO B 448 -14.13 17.09 13.71
CA PRO B 448 -15.27 16.34 13.15
C PRO B 448 -15.16 14.83 13.29
N GLY B 449 -13.95 14.28 13.18
CA GLY B 449 -13.80 12.83 13.24
C GLY B 449 -14.25 12.26 14.56
N ALA B 450 -14.14 13.03 15.64
CA ALA B 450 -14.53 12.54 16.97
C ALA B 450 -16.02 12.29 17.07
N GLY B 451 -16.82 12.97 16.25
CA GLY B 451 -18.26 12.81 16.32
C GLY B 451 -18.77 11.44 15.92
N TYR B 452 -17.93 10.62 15.27
CA TYR B 452 -18.31 9.31 14.77
C TYR B 452 -17.93 8.17 15.71
N ARG B 453 -17.48 8.48 16.93
CA ARG B 453 -17.13 7.46 17.90
C ARG B 453 -18.38 6.86 18.52
N ALA B 454 -18.33 5.55 18.78
CA ALA B 454 -19.45 4.88 19.46
C ALA B 454 -19.64 5.46 20.85
N GLN B 455 -20.78 6.11 21.07
CA GLN B 455 -21.07 6.74 22.35
C GLN B 455 -22.31 6.10 23.00
C10 9WY C . -8.80 -17.32 -2.55
C7 9WY C . -6.21 -21.54 -2.43
O3P 9WY C . -12.46 -20.75 -8.27
P 9WY C . -12.92 -20.58 -6.92
O1P 9WY C . -14.30 -20.16 -7.04
O2P 9WY C . -12.78 -21.79 -6.15
O5' 9WY C . -14.02 -15.72 -6.16
C5' 9WY C . -13.78 -17.10 -6.00
C4' 9WY C . -12.43 -17.34 -5.39
O4' 9WY C . -12.32 -16.55 -4.21
C3' 9WY C . -12.36 -18.81 -5.03
O3' 9WY C . -11.99 -19.51 -6.21
C2' 9WY C . -11.39 -19.05 -3.88
O2' 9WY C . -11.28 -20.44 -3.73
C1' 9WY C . -10.03 -18.55 -4.24
N10 9WY C . -8.99 -18.48 -3.24
C9A 9WY C . -8.07 -19.50 -3.00
C9 9WY C . -8.18 -20.70 -3.67
C8 9WY C . -7.30 -21.72 -3.41
C8M 9WY C . -7.41 -22.99 -4.16
C7M 9WY C . -5.24 -22.64 -2.16
C6 9WY C . -6.11 -20.34 -1.76
C5A 9WY C . -7.00 -19.33 -2.01
N5 9WY C . -6.88 -18.18 -1.34
N1 9WY C . -9.63 -16.27 -2.72
C4A 9WY C . -7.73 -17.20 -1.57
C4 9WY C . -7.64 -15.91 -0.87
O4 9WY C . -6.76 -15.72 -0.06
N3 9WY C . -8.51 -14.98 -1.13
C2 9WY C . -9.47 -15.15 -2.01
O2 9WY C . -10.25 -14.22 -2.21
N1 RBF D . -10.21 -18.15 0.75
C2 RBF D . -11.41 -17.96 0.16
O2 RBF D . -11.94 -16.90 0.21
N3 RBF D . -12.03 -18.98 -0.51
C4 RBF D . -11.43 -20.17 -0.58
O4 RBF D . -11.97 -21.04 -1.14
C4A RBF D . -10.20 -20.38 0.02
N5 RBF D . -9.58 -21.62 -0.07
C5A RBF D . -8.38 -21.82 0.51
C6 RBF D . -7.76 -23.11 0.44
C7 RBF D . -6.51 -23.30 1.06
C7M RBF D . -5.93 -24.67 0.92
C8 RBF D . -5.90 -22.26 1.73
C8M RBF D . -4.53 -22.39 2.42
C9 RBF D . -6.51 -20.99 1.80
C9A RBF D . -7.78 -20.79 1.19
N10 RBF D . -8.35 -19.59 1.27
C10 RBF D . -9.58 -19.37 0.68
C1' RBF D . -7.86 -18.36 1.94
C2' RBF D . -8.12 -18.43 3.47
O2' RBF D . -9.49 -18.48 3.70
C3' RBF D . -7.54 -17.16 4.14
O3' RBF D . -7.08 -17.50 5.43
C4' RBF D . -8.58 -16.07 4.20
O4' RBF D . -8.84 -15.56 2.89
C5' RBF D . -8.06 -14.88 5.06
O5' RBF D . -6.88 -14.32 4.44
C10 9WY E . -1.05 19.00 -3.54
C7 9WY E . 1.29 22.30 -0.64
O3P 9WY E . -4.88 24.92 -4.43
P 9WY E . -5.90 23.91 -4.34
O1P 9WY E . -6.84 24.17 -3.29
O2P 9WY E . -6.60 23.85 -5.58
O5' 9WY E . -7.01 19.55 -6.44
C5' 9WY E . -6.32 20.74 -6.16
C4' 9WY E . -5.16 20.50 -5.20
O4' 9WY E . -4.32 19.52 -5.75
C3' 9WY E . -4.41 21.82 -5.05
O3' 9WY E . -5.11 22.55 -4.06
C2' 9WY E . -2.91 21.63 -4.76
O2' 9WY E . -2.30 22.87 -4.56
C1' 9WY E . -2.71 20.82 -3.51
N10 9WY E . -1.41 20.28 -3.14
C9A 9WY E . -0.55 20.96 -2.31
C9 9WY E . -0.85 22.24 -1.85
C8 9WY E . 0.03 22.93 -1.04
C8M 9WY E . -0.28 24.30 -0.54
C7M 9WY E . 2.21 23.09 0.25
C6 9WY E . 1.60 21.04 -1.06
C5A 9WY E . 0.73 20.33 -1.89
N5 9WY E . 1.04 19.10 -2.31
N1 9WY E . -1.84 18.28 -4.33
C4A 9WY E . 0.22 18.42 -3.10
C4 9WY E . 0.52 17.05 -3.58
O4 9WY E . 1.56 16.50 -3.24
N3 9WY E . -0.35 16.47 -4.37
C2 9WY E . -1.49 17.05 -4.74
O2 9WY E . -2.27 16.46 -5.46
N1 RBF F . 1.22 19.72 -6.17
C2 RBF F . 0.13 19.94 -6.95
O2 RBF F . -0.36 19.05 -7.58
N3 RBF F . -0.41 21.20 -7.01
C4 RBF F . 0.13 22.19 -6.30
O4 RBF F . -0.33 23.26 -6.34
C4A RBF F . 1.26 21.94 -5.49
N5 RBF F . 1.82 22.97 -4.75
C5A RBF F . 2.91 22.75 -3.97
C6 RBF F . 3.52 23.80 -3.22
C7 RBF F . 4.64 23.54 -2.41
C7M RBF F . 5.18 24.72 -1.67
C8 RBF F . 5.19 22.27 -2.36
C8M RBF F . 6.42 21.93 -1.51
C9 RBF F . 4.61 21.23 -3.10
C9A RBF F . 3.46 21.48 -3.92
N10 RBF F . 2.92 20.48 -4.63
C10 RBF F . 1.79 20.72 -5.44
C1' RBF F . 3.35 19.06 -4.69
C2' RBF F . 4.61 18.93 -5.60
O2' RBF F . 4.33 19.39 -6.87
C3' RBF F . 5.07 17.45 -5.64
O3' RBF F . 6.45 17.45 -5.92
C4' RBF F . 4.34 16.69 -6.73
O4' RBF F . 2.97 16.49 -6.37
C5' RBF F . 4.98 15.27 -6.92
O5' RBF F . 4.78 14.51 -5.70
#